data_4WKY
#
_entry.id   4WKY
#
_cell.length_a   82.271
_cell.length_b   100.482
_cell.length_c   160.103
_cell.angle_alpha   90.000
_cell.angle_beta   90.000
_cell.angle_gamma   90.000
#
_symmetry.space_group_name_H-M   'P 21 21 21'
#
loop_
_entity.id
_entity.type
_entity.pdbx_description
1 polymer 'Beta-ketoacyl synthase'
2 non-polymer 'SULFATE ION'
3 non-polymer GLYCEROL
4 non-polymer 1,2-ETHANEDIOL
5 water water
#
_entity_poly.entity_id   1
_entity_poly.type   'polypeptide(L)'
_entity_poly.pdbx_seq_one_letter_code
;SNAVSGNDIAIVG(MSE)AGRFPGADSVGEFWELLRSGREGITRFSDEELAAAGVPAALRADPAYVRAHGILPDVDLFDT
GFFEFTPAEAEVIDPQHRLFLESCHTALEDAGYDPRRYDGLISVYGGAAINTYLQRHVLPSIDQTATSDHFRV(MSE)VG
NDKDFLATRVSYKLDLRGPSYSVQTACSTSLVAIHLACQGLINGECD(MSE)ALAGGVTVKLPQARGYLYEEGAILSPDG
RVRTFDAEAGGTVLGNGVGIVVLKLLADALDAGDTIHAVIKGTATNNDGSLKVSYAAPGKEGQAAVVAEAHAVSGTEPES
VTYVEAHGTATRLGDPVEVAALTDAFRRGTSDTGFCAIGSLKSNVGHLDAAAGVAGVIKTAL(MSE)LRHRSLVPTLNHE
RPNPAIDFAATPFYVNTETRPWAGEGPLRAGVSSFGIGGTNAHAILQEAPEQGPTEPSPRAEQLLVLSARTRTALDTLTD
DLADHLEANPGTDLADAAHTLAVGRRAHRHRRAVICADPARAVRALRERAEPDCATAEAGAAAGTGAFTPGPGLSGRALL
EAVRTAWLDGAEVDWARFYAGERRRRVPLPTYPFEGRRVWLEPPTDTRGTA
;
_entity_poly.pdbx_strand_id   A,B
#
loop_
_chem_comp.id
_chem_comp.type
_chem_comp.name
_chem_comp.formula
EDO non-polymer 1,2-ETHANEDIOL 'C2 H6 O2'
GOL non-polymer GLYCEROL 'C3 H8 O3'
SO4 non-polymer 'SULFATE ION' 'O4 S -2'
#
# COMPACT_ATOMS: atom_id res chain seq x y z
N SER A 5 10.34 8.49 -23.43
CA SER A 5 9.31 9.55 -23.61
C SER A 5 8.09 9.13 -22.82
N GLY A 6 7.50 7.98 -23.20
CA GLY A 6 6.22 7.49 -22.62
C GLY A 6 6.29 7.15 -21.14
N ASN A 7 7.49 6.84 -20.66
CA ASN A 7 7.66 6.71 -19.24
C ASN A 7 7.99 7.99 -18.48
N ASP A 8 8.17 9.12 -19.15
CA ASP A 8 8.64 10.33 -18.43
C ASP A 8 7.49 10.96 -17.63
N ILE A 9 7.74 11.22 -16.36
CA ILE A 9 6.78 11.84 -15.48
C ILE A 9 7.29 13.21 -15.08
N ALA A 10 6.42 14.22 -15.10
CA ALA A 10 6.77 15.56 -14.64
C ALA A 10 6.35 15.77 -13.22
N ILE A 11 7.23 16.37 -12.41
CA ILE A 11 6.88 16.90 -11.10
C ILE A 11 6.39 18.34 -11.30
N VAL A 12 5.09 18.55 -11.10
CA VAL A 12 4.48 19.83 -11.39
C VAL A 12 4.10 20.67 -10.17
N GLY A 13 4.41 20.16 -8.97
CA GLY A 13 4.04 20.83 -7.75
C GLY A 13 4.65 20.07 -6.61
N MSE A 14 4.84 20.74 -5.49
CA MSE A 14 5.35 20.05 -4.28
C MSE A 14 4.95 20.80 -3.07
O MSE A 14 4.71 22.00 -3.16
CB MSE A 14 6.88 20.02 -4.24
CG MSE A 14 7.51 19.78 -5.61
SE MSE A 14 9.51 19.68 -5.59
CE MSE A 14 9.58 21.33 -4.68
N ALA A 15 4.95 20.12 -1.92
CA ALA A 15 4.72 20.74 -0.62
C ALA A 15 5.34 19.87 0.45
N GLY A 16 5.65 20.50 1.55
CA GLY A 16 6.20 19.78 2.68
C GLY A 16 6.53 20.65 3.86
N ARG A 17 6.84 19.97 4.95
CA ARG A 17 7.33 20.59 6.15
C ARG A 17 8.40 19.65 6.72
N PHE A 18 9.48 20.23 7.17
CA PHE A 18 10.71 19.55 7.58
C PHE A 18 11.27 20.18 8.86
N PRO A 19 12.06 19.42 9.61
CA PRO A 19 12.72 20.02 10.76
C PRO A 19 13.48 21.26 10.35
N GLY A 20 13.19 22.34 11.07
CA GLY A 20 13.78 23.63 10.78
C GLY A 20 13.38 24.32 9.50
N ALA A 21 12.35 23.84 8.78
CA ALA A 21 11.99 24.40 7.49
C ALA A 21 10.56 24.08 7.20
N ASP A 22 9.70 25.06 7.40
CA ASP A 22 8.29 24.80 7.38
C ASP A 22 7.61 24.85 6.01
N SER A 23 8.41 24.79 4.96
CA SER A 23 7.88 24.80 3.60
C SER A 23 9.03 24.32 2.69
N VAL A 24 8.67 23.94 1.48
CA VAL A 24 9.66 23.56 0.47
C VAL A 24 10.62 24.74 0.22
N GLY A 25 10.10 25.95 0.09
CA GLY A 25 10.97 27.16 0.00
C GLY A 25 11.96 27.30 1.14
N GLU A 26 11.48 27.21 2.38
CA GLU A 26 12.40 27.25 3.53
C GLU A 26 13.37 26.06 3.51
N PHE A 27 12.93 24.91 2.99
CA PHE A 27 13.79 23.74 2.96
C PHE A 27 14.95 23.99 2.01
N TRP A 28 14.67 24.56 0.83
CA TRP A 28 15.76 24.98 -0.05
C TRP A 28 16.72 25.89 0.65
N GLU A 29 16.21 26.89 1.36
CA GLU A 29 17.06 27.84 2.02
C GLU A 29 17.96 27.15 3.08
N LEU A 30 17.39 26.24 3.84
CA LEU A 30 18.15 25.48 4.81
C LEU A 30 19.30 24.68 4.13
N LEU A 31 18.99 24.03 3.02
CA LEU A 31 19.96 23.18 2.33
C LEU A 31 21.07 24.02 1.68
N ARG A 32 20.67 25.09 1.00
CA ARG A 32 21.58 26.01 0.34
C ARG A 32 22.55 26.65 1.30
N SER A 33 22.05 26.95 2.49
CA SER A 33 22.81 27.54 3.57
C SER A 33 23.68 26.62 4.35
N GLY A 34 23.56 25.32 4.14
CA GLY A 34 24.34 24.37 4.89
C GLY A 34 23.92 24.32 6.33
N ARG A 35 22.63 24.44 6.61
CA ARG A 35 22.22 24.52 8.02
C ARG A 35 21.58 23.22 8.46
N GLU A 36 21.71 22.93 9.75
CA GLU A 36 21.11 21.76 10.36
C GLU A 36 19.70 22.17 10.86
N GLY A 37 18.70 21.33 10.65
CA GLY A 37 17.35 21.58 11.09
C GLY A 37 16.95 20.79 12.33
N ILE A 38 17.75 19.81 12.70
CA ILE A 38 17.55 19.05 13.93
C ILE A 38 17.61 19.98 15.13
N THR A 39 16.70 19.85 16.08
CA THR A 39 16.74 20.70 17.29
C THR A 39 17.53 19.99 18.35
N ARG A 40 18.44 20.72 18.99
CA ARG A 40 19.22 20.23 20.13
C ARG A 40 18.67 20.94 21.34
N PHE A 41 18.17 20.20 22.32
CA PHE A 41 17.49 20.83 23.45
C PHE A 41 18.47 21.08 24.58
N SER A 42 18.32 22.22 25.26
CA SER A 42 19.02 22.43 26.56
C SER A 42 18.37 21.53 27.60
N ASP A 43 19.04 21.32 28.73
CA ASP A 43 18.48 20.56 29.84
C ASP A 43 17.27 21.30 30.44
N GLU A 44 17.32 22.65 30.47
CA GLU A 44 16.19 23.49 30.85
C GLU A 44 15.01 23.15 29.95
N GLU A 45 15.18 23.38 28.65
CA GLU A 45 14.11 23.12 27.67
C GLU A 45 13.50 21.72 27.86
N LEU A 46 14.32 20.71 28.20
CA LEU A 46 13.82 19.34 28.38
C LEU A 46 13.12 19.06 29.70
N ALA A 47 13.53 19.74 30.76
CA ALA A 47 12.76 19.71 32.00
C ALA A 47 11.41 20.35 31.67
N ALA A 48 11.44 21.51 30.99
CA ALA A 48 10.23 22.22 30.61
C ALA A 48 9.30 21.33 29.79
N ALA A 49 9.87 20.51 28.90
CA ALA A 49 9.07 19.49 28.19
C ALA A 49 8.68 18.30 29.06
N GLY A 50 9.04 18.32 30.34
CA GLY A 50 8.73 17.22 31.26
C GLY A 50 9.55 15.94 31.17
N VAL A 51 10.82 15.99 30.73
CA VAL A 51 11.67 14.80 30.77
C VAL A 51 12.23 14.70 32.18
N PRO A 52 12.15 13.50 32.80
CA PRO A 52 12.64 13.32 34.17
C PRO A 52 14.08 13.84 34.38
N ALA A 53 14.39 14.28 35.60
CA ALA A 53 15.77 14.65 35.95
C ALA A 53 16.74 13.47 35.82
N ALA A 54 16.23 12.25 35.97
CA ALA A 54 17.03 11.01 35.96
C ALA A 54 17.58 10.71 34.60
N LEU A 55 16.67 10.58 33.64
CA LEU A 55 17.01 10.35 32.25
C LEU A 55 17.86 11.52 31.79
N ARG A 56 17.50 12.73 32.18
CA ARG A 56 18.25 13.91 31.78
C ARG A 56 19.70 13.90 32.25
N ALA A 57 19.97 13.27 33.40
CA ALA A 57 21.33 13.18 33.94
C ALA A 57 22.13 11.94 33.46
N ASP A 58 21.48 11.01 32.78
CA ASP A 58 22.17 9.82 32.28
C ASP A 58 23.16 10.25 31.20
N PRO A 59 24.47 9.88 31.36
CA PRO A 59 25.49 10.26 30.37
C PRO A 59 25.17 9.83 28.90
N ALA A 60 24.42 8.76 28.70
CA ALA A 60 24.04 8.30 27.33
C ALA A 60 22.85 9.05 26.71
N TYR A 61 22.23 9.99 27.43
CA TYR A 61 21.07 10.68 26.93
C TYR A 61 21.45 11.73 25.90
N VAL A 62 20.85 11.64 24.72
CA VAL A 62 21.16 12.58 23.65
C VAL A 62 19.95 13.50 23.44
N ARG A 63 20.18 14.80 23.53
CA ARG A 63 19.09 15.74 23.52
C ARG A 63 18.79 16.29 22.13
N ALA A 64 18.38 15.42 21.20
CA ALA A 64 18.21 15.88 19.82
C ALA A 64 17.05 15.20 19.16
N HIS A 65 16.33 15.93 18.31
CA HIS A 65 15.19 15.39 17.58
C HIS A 65 14.80 16.39 16.54
N GLY A 66 14.44 15.90 15.36
CA GLY A 66 13.89 16.79 14.32
C GLY A 66 12.41 17.00 14.56
N ILE A 67 11.98 18.23 14.78
CA ILE A 67 10.59 18.46 15.15
C ILE A 67 9.90 19.41 14.23
N LEU A 68 8.57 19.36 14.24
CA LEU A 68 7.73 20.28 13.49
C LEU A 68 6.93 21.15 14.45
N PRO A 69 6.84 22.45 14.16
CA PRO A 69 6.09 23.29 15.06
C PRO A 69 4.55 23.17 14.94
N ASP A 70 3.90 23.21 16.09
CA ASP A 70 2.44 23.33 16.23
C ASP A 70 1.61 22.33 15.42
N VAL A 71 1.94 21.04 15.57
CA VAL A 71 1.17 19.95 15.03
C VAL A 71 -0.17 19.71 15.76
N ASP A 72 -0.44 20.51 16.78
CA ASP A 72 -1.72 20.52 17.49
C ASP A 72 -2.68 21.58 17.00
N LEU A 73 -2.35 22.21 15.90
CA LEU A 73 -3.11 23.32 15.33
C LEU A 73 -3.70 22.79 14.03
N PHE A 74 -5.02 22.89 13.85
CA PHE A 74 -5.66 22.40 12.63
C PHE A 74 -6.87 23.28 12.27
N ASP A 75 -6.99 23.62 10.99
CA ASP A 75 -8.08 24.47 10.51
C ASP A 75 -9.28 23.56 10.23
N THR A 76 -10.00 23.26 11.30
CA THR A 76 -11.16 22.40 11.21
C THR A 76 -12.24 22.97 10.28
N GLY A 77 -12.47 24.28 10.32
CA GLY A 77 -13.48 24.89 9.48
C GLY A 77 -13.15 24.72 8.01
N PHE A 78 -11.90 24.96 7.65
CA PHE A 78 -11.51 24.86 6.27
C PHE A 78 -11.73 23.46 5.76
N PHE A 79 -11.41 22.45 6.56
CA PHE A 79 -11.50 21.06 6.06
C PHE A 79 -12.82 20.42 6.44
N GLU A 80 -13.78 21.23 6.90
CA GLU A 80 -15.12 20.75 7.22
C GLU A 80 -15.14 19.59 8.19
N PHE A 81 -14.41 19.77 9.28
CA PHE A 81 -14.51 18.92 10.44
C PHE A 81 -15.04 19.72 11.61
N THR A 82 -15.74 19.07 12.52
CA THR A 82 -15.87 19.58 13.88
C THR A 82 -14.60 19.27 14.69
N PRO A 83 -14.32 20.10 15.70
CA PRO A 83 -13.17 19.81 16.56
C PRO A 83 -13.27 18.40 17.17
N ALA A 84 -14.47 17.96 17.54
CA ALA A 84 -14.69 16.59 18.04
C ALA A 84 -14.28 15.52 17.01
N GLU A 85 -14.72 15.66 15.78
CA GLU A 85 -14.26 14.74 14.75
C GLU A 85 -12.72 14.79 14.57
N ALA A 86 -12.15 15.98 14.53
CA ALA A 86 -10.74 16.15 14.14
C ALA A 86 -9.78 15.67 15.22
N GLU A 87 -10.16 15.78 16.49
CA GLU A 87 -9.20 15.48 17.58
C GLU A 87 -8.92 13.98 17.71
N VAL A 88 -9.82 13.19 17.14
CA VAL A 88 -9.62 11.73 17.08
C VAL A 88 -8.68 11.32 15.93
N ILE A 89 -8.43 12.23 14.99
CA ILE A 89 -7.58 11.94 13.87
C ILE A 89 -6.09 12.15 14.22
N ASP A 90 -5.29 11.14 13.96
CA ASP A 90 -3.81 11.19 14.05
C ASP A 90 -3.31 12.51 13.38
N PRO A 91 -2.51 13.30 14.10
CA PRO A 91 -1.95 14.48 13.46
C PRO A 91 -1.16 14.14 12.21
N GLN A 92 -0.63 12.92 12.10
CA GLN A 92 0.01 12.51 10.83
C GLN A 92 -0.97 12.63 9.67
N HIS A 93 -2.21 12.16 9.89
CA HIS A 93 -3.22 12.22 8.86
C HIS A 93 -3.65 13.66 8.52
N ARG A 94 -3.71 14.49 9.56
CA ARG A 94 -4.06 15.90 9.37
C ARG A 94 -3.01 16.60 8.54
N LEU A 95 -1.76 16.36 8.88
CA LEU A 95 -0.68 16.97 8.14
C LEU A 95 -0.61 16.53 6.70
N PHE A 96 -0.83 15.25 6.46
CA PHE A 96 -0.81 14.71 5.11
C PHE A 96 -1.90 15.38 4.27
N LEU A 97 -3.09 15.50 4.84
CA LEU A 97 -4.21 16.20 4.17
C LEU A 97 -3.87 17.68 3.84
N GLU A 98 -3.32 18.39 4.81
CA GLU A 98 -2.87 19.77 4.62
C GLU A 98 -1.85 19.92 3.50
N SER A 99 -0.85 19.04 3.50
CA SER A 99 0.23 19.13 2.49
C SER A 99 -0.27 18.73 1.11
N CYS A 100 -1.20 17.78 1.04
CA CYS A 100 -1.85 17.42 -0.22
C CYS A 100 -2.60 18.62 -0.81
N HIS A 101 -3.35 19.32 0.05
CA HIS A 101 -4.01 20.54 -0.37
C HIS A 101 -3.01 21.59 -0.87
N THR A 102 -1.96 21.79 -0.08
CA THR A 102 -0.94 22.74 -0.40
C THR A 102 -0.24 22.38 -1.71
N ALA A 103 0.07 21.09 -1.90
CA ALA A 103 0.73 20.63 -3.11
C ALA A 103 -0.12 20.92 -4.34
N LEU A 104 -1.42 20.68 -4.24
CA LEU A 104 -2.28 21.00 -5.37
C LEU A 104 -2.34 22.51 -5.69
N GLU A 105 -2.40 23.34 -4.67
CA GLU A 105 -2.35 24.76 -4.84
C GLU A 105 -1.04 25.23 -5.45
N ASP A 106 0.07 24.67 -4.96
CA ASP A 106 1.38 24.93 -5.58
C ASP A 106 1.47 24.61 -7.09
N ALA A 107 0.87 23.49 -7.49
CA ALA A 107 0.89 23.07 -8.90
C ALA A 107 -0.06 23.91 -9.76
N GLY A 108 -1.02 24.54 -9.09
CA GLY A 108 -2.02 25.38 -9.71
C GLY A 108 -3.28 24.67 -10.14
N TYR A 109 -3.68 23.62 -9.42
CA TYR A 109 -4.86 22.84 -9.81
C TYR A 109 -5.92 22.87 -8.71
N ASP A 110 -7.13 23.22 -9.08
CA ASP A 110 -8.30 23.16 -8.19
C ASP A 110 -9.01 21.84 -8.52
N PRO A 111 -8.95 20.88 -7.60
CA PRO A 111 -9.49 19.56 -7.89
C PRO A 111 -11.02 19.56 -8.08
N ARG A 112 -11.72 20.60 -7.64
CA ARG A 112 -13.17 20.65 -7.91
C ARG A 112 -13.56 21.34 -9.24
N ARG A 113 -12.60 21.79 -10.04
CA ARG A 113 -12.89 22.29 -11.40
C ARG A 113 -11.86 21.61 -12.26
N TYR A 114 -11.97 20.30 -12.32
CA TYR A 114 -10.92 19.47 -12.86
C TYR A 114 -11.59 18.30 -13.58
N ASP A 115 -11.24 18.07 -14.85
CA ASP A 115 -11.95 17.10 -15.66
C ASP A 115 -11.53 15.65 -15.48
N GLY A 116 -10.26 15.40 -15.13
CA GLY A 116 -9.71 14.03 -15.08
C GLY A 116 -9.71 13.36 -13.72
N LEU A 117 -8.81 12.40 -13.56
CA LEU A 117 -8.79 11.52 -12.40
C LEU A 117 -7.47 11.76 -11.62
N ILE A 118 -7.59 12.21 -10.36
CA ILE A 118 -6.45 12.46 -9.51
C ILE A 118 -6.37 11.31 -8.48
N SER A 119 -5.21 10.68 -8.42
CA SER A 119 -4.94 9.58 -7.47
C SER A 119 -4.07 10.08 -6.28
N VAL A 120 -4.06 9.32 -5.18
CA VAL A 120 -3.25 9.64 -4.02
C VAL A 120 -2.57 8.33 -3.58
N TYR A 121 -1.26 8.40 -3.39
CA TYR A 121 -0.47 7.32 -2.85
C TYR A 121 0.35 7.83 -1.67
N GLY A 122 0.25 7.18 -0.53
CA GLY A 122 1.12 7.56 0.56
C GLY A 122 1.16 6.64 1.74
N GLY A 123 2.04 6.95 2.66
CA GLY A 123 2.17 6.13 3.89
C GLY A 123 2.52 6.99 5.06
N ALA A 124 2.27 6.46 6.26
CA ALA A 124 2.55 7.18 7.49
C ALA A 124 3.43 6.34 8.39
N ALA A 125 4.18 7.01 9.25
CA ALA A 125 5.00 6.30 10.28
C ALA A 125 4.09 5.70 11.32
N ILE A 126 4.67 4.94 12.22
CA ILE A 126 3.93 4.36 13.33
C ILE A 126 3.16 5.44 14.08
N ASN A 127 1.91 5.13 14.46
CA ASN A 127 1.01 6.10 15.08
C ASN A 127 1.24 6.15 16.63
N THR A 128 1.88 7.19 17.15
CA THR A 128 2.07 7.35 18.59
C THR A 128 0.94 8.11 19.25
N TYR A 129 0.19 8.90 18.48
CA TYR A 129 -0.95 9.64 19.02
C TYR A 129 -1.99 8.68 19.59
N LEU A 130 -2.21 7.59 18.87
CA LEU A 130 -3.18 6.59 19.29
C LEU A 130 -2.97 6.11 20.74
N GLN A 131 -1.72 5.79 21.06
CA GLN A 131 -1.37 5.25 22.39
C GLN A 131 -1.42 6.31 23.49
N ARG A 132 -0.84 7.46 23.20
CA ARG A 132 -0.62 8.50 24.19
C ARG A 132 -1.87 9.31 24.40
N HIS A 133 -2.71 9.46 23.38
CA HIS A 133 -3.83 10.42 23.43
C HIS A 133 -5.16 9.83 23.19
N VAL A 134 -5.29 8.99 22.18
CA VAL A 134 -6.61 8.51 21.78
C VAL A 134 -7.12 7.44 22.75
N LEU A 135 -6.38 6.35 22.87
CA LEU A 135 -6.85 5.21 23.67
C LEU A 135 -7.16 5.55 25.13
N PRO A 136 -6.33 6.37 25.80
CA PRO A 136 -6.73 6.73 27.16
C PRO A 136 -7.97 7.65 27.26
N SER A 137 -8.45 8.20 26.15
CA SER A 137 -9.55 9.15 26.17
C SER A 137 -10.89 8.57 25.74
N ILE A 138 -10.93 7.45 25.03
CA ILE A 138 -12.17 6.96 24.42
C ILE A 138 -12.45 5.51 24.82
N ASP A 139 -13.62 5.26 25.39
CA ASP A 139 -14.10 3.89 25.64
C ASP A 139 -14.62 3.32 24.33
N GLN A 140 -14.14 2.16 23.90
CA GLN A 140 -14.55 1.61 22.60
C GLN A 140 -15.60 0.48 22.65
N THR A 141 -16.39 0.46 23.71
CA THR A 141 -17.47 -0.54 23.81
C THR A 141 -18.47 -0.50 22.65
N ALA A 142 -18.95 0.70 22.29
CA ALA A 142 -19.85 0.80 21.16
C ALA A 142 -19.11 0.69 19.84
N THR A 143 -19.74 -0.01 18.90
CA THR A 143 -19.19 -0.17 17.58
C THR A 143 -18.85 1.20 16.96
N SER A 144 -19.75 2.17 17.08
CA SER A 144 -19.49 3.47 16.45
C SER A 144 -18.27 4.15 17.07
N ASP A 145 -17.96 3.87 18.35
CA ASP A 145 -16.75 4.40 19.00
C ASP A 145 -15.48 3.72 18.48
N HIS A 146 -15.50 2.40 18.41
CA HIS A 146 -14.42 1.65 17.80
C HIS A 146 -14.15 2.13 16.37
N PHE A 147 -15.21 2.39 15.62
CA PHE A 147 -15.04 2.87 14.26
C PHE A 147 -14.43 4.28 14.20
N ARG A 148 -14.81 5.16 15.11
N ARG A 148 -14.82 5.18 15.09
CA ARG A 148 -14.25 6.52 15.13
CA ARG A 148 -14.23 6.52 15.16
C ARG A 148 -12.72 6.50 15.39
C ARG A 148 -12.71 6.44 15.34
N VAL A 149 -12.30 5.65 16.32
CA VAL A 149 -10.89 5.45 16.64
C VAL A 149 -10.13 4.88 15.44
N MSE A 150 -10.67 3.80 14.86
CA MSE A 150 -10.02 3.13 13.74
C MSE A 150 -9.84 4.05 12.55
O MSE A 150 -8.76 4.17 11.98
CB MSE A 150 -10.83 1.87 13.43
CG MSE A 150 -10.46 1.25 12.09
SE MSE A 150 -11.65 -0.30 11.66
CE MSE A 150 -13.06 0.63 10.65
N VAL A 151 -10.91 4.74 12.19
CA VAL A 151 -10.91 5.60 11.03
C VAL A 151 -9.97 6.80 11.25
N GLY A 152 -9.80 7.24 12.48
CA GLY A 152 -8.88 8.33 12.76
C GLY A 152 -7.43 7.94 12.78
N ASN A 153 -7.17 6.65 13.01
CA ASN A 153 -5.85 6.22 13.40
C ASN A 153 -5.21 5.11 12.62
N ASP A 154 -5.97 4.34 11.85
CA ASP A 154 -5.38 3.24 11.08
C ASP A 154 -4.76 3.81 9.78
N LYS A 155 -3.63 3.24 9.36
CA LYS A 155 -2.97 3.75 8.16
C LYS A 155 -3.86 3.72 6.89
N ASP A 156 -4.79 2.77 6.85
CA ASP A 156 -5.76 2.63 5.77
C ASP A 156 -6.50 3.84 5.33
N PHE A 157 -6.63 4.86 6.20
CA PHE A 157 -7.48 6.01 5.87
C PHE A 157 -6.68 7.25 5.54
N LEU A 158 -5.36 7.13 5.53
CA LEU A 158 -4.50 8.26 5.24
C LEU A 158 -4.80 8.90 3.90
N ALA A 159 -4.76 8.08 2.85
CA ALA A 159 -4.92 8.63 1.51
C ALA A 159 -6.36 8.86 1.13
N THR A 160 -7.23 7.92 1.48
CA THR A 160 -8.63 8.05 1.10
C THR A 160 -9.30 9.25 1.74
N ARG A 161 -8.88 9.61 2.95
CA ARG A 161 -9.41 10.83 3.54
C ARG A 161 -9.16 12.02 2.63
N VAL A 162 -7.99 12.08 2.02
CA VAL A 162 -7.68 13.17 1.11
C VAL A 162 -8.62 13.12 -0.11
N SER A 163 -8.81 11.93 -0.67
CA SER A 163 -9.66 11.79 -1.83
C SER A 163 -11.08 12.27 -1.51
N TYR A 164 -11.59 11.91 -0.37
CA TYR A 164 -12.92 12.33 0.05
C TYR A 164 -12.97 13.86 0.29
N LYS A 165 -12.03 14.40 1.06
CA LYS A 165 -12.09 15.81 1.49
C LYS A 165 -11.78 16.73 0.34
N LEU A 166 -10.93 16.30 -0.60
CA LEU A 166 -10.58 17.13 -1.73
C LEU A 166 -11.31 16.79 -3.02
N ASP A 167 -12.15 15.75 -2.99
CA ASP A 167 -12.87 15.22 -4.17
C ASP A 167 -11.99 14.74 -5.34
N LEU A 168 -11.17 13.75 -5.03
CA LEU A 168 -10.24 13.15 -5.98
C LEU A 168 -10.78 11.78 -6.32
N ARG A 169 -10.82 11.44 -7.60
CA ARG A 169 -11.57 10.25 -8.03
C ARG A 169 -10.75 9.14 -8.66
N GLY A 170 -9.45 9.38 -8.78
CA GLY A 170 -8.52 8.31 -9.09
C GLY A 170 -8.45 7.36 -7.91
N PRO A 171 -7.89 6.18 -8.14
CA PRO A 171 -7.68 5.32 -6.98
C PRO A 171 -6.78 5.96 -5.95
N SER A 172 -6.97 5.53 -4.72
CA SER A 172 -6.35 6.12 -3.62
C SER A 172 -5.88 5.00 -2.67
N TYR A 173 -4.58 4.93 -2.39
CA TYR A 173 -4.03 3.85 -1.60
C TYR A 173 -3.09 4.28 -0.52
N SER A 174 -3.14 3.58 0.63
CA SER A 174 -2.01 3.65 1.56
C SER A 174 -1.01 2.54 1.26
N VAL A 175 0.25 2.91 1.18
CA VAL A 175 1.31 1.94 0.98
C VAL A 175 2.33 2.13 2.06
N GLN A 176 2.82 1.01 2.56
CA GLN A 176 3.67 1.00 3.74
C GLN A 176 4.79 0.04 3.55
N THR A 177 6.01 0.58 3.55
CA THR A 177 7.23 -0.24 3.47
C THR A 177 8.33 0.35 4.37
N ALA A 178 7.94 0.82 5.56
CA ALA A 178 8.88 1.41 6.52
C ALA A 178 9.66 2.54 5.87
N CYS A 179 10.99 2.55 5.97
CA CYS A 179 11.75 3.77 5.59
C CYS A 179 11.71 4.13 4.10
N SER A 180 11.33 3.20 3.26
CA SER A 180 11.25 3.47 1.80
C SER A 180 9.84 3.88 1.33
N THR A 181 8.92 4.03 2.25
CA THR A 181 7.49 4.20 1.97
C THR A 181 7.17 5.23 0.94
N SER A 182 7.66 6.45 1.12
CA SER A 182 7.24 7.53 0.25
C SER A 182 7.88 7.45 -1.13
N LEU A 183 9.05 6.84 -1.25
CA LEU A 183 9.59 6.63 -2.60
C LEU A 183 8.88 5.47 -3.36
N VAL A 184 8.52 4.40 -2.64
CA VAL A 184 7.63 3.39 -3.19
C VAL A 184 6.30 4.01 -3.62
N ALA A 185 5.72 4.92 -2.81
CA ALA A 185 4.49 5.59 -3.21
C ALA A 185 4.68 6.34 -4.51
N ILE A 186 5.81 7.01 -4.66
CA ILE A 186 6.14 7.74 -5.88
C ILE A 186 6.24 6.78 -7.08
N HIS A 187 6.90 5.67 -6.85
CA HIS A 187 7.03 4.62 -7.87
C HIS A 187 5.65 4.13 -8.33
N LEU A 188 4.79 3.81 -7.37
CA LEU A 188 3.43 3.33 -7.73
C LEU A 188 2.61 4.41 -8.44
N ALA A 189 2.77 5.65 -8.04
CA ALA A 189 2.11 6.75 -8.72
C ALA A 189 2.58 6.87 -10.17
N CYS A 190 3.89 6.82 -10.39
CA CYS A 190 4.42 6.85 -11.74
C CYS A 190 3.85 5.73 -12.57
N GLN A 191 3.73 4.54 -11.98
CA GLN A 191 3.18 3.38 -12.70
C GLN A 191 1.71 3.57 -13.02
N GLY A 192 0.96 4.14 -12.08
CA GLY A 192 -0.46 4.48 -12.28
C GLY A 192 -0.66 5.45 -13.43
N LEU A 193 0.16 6.50 -13.45
CA LEU A 193 0.16 7.45 -14.58
C LEU A 193 0.49 6.79 -15.91
N ILE A 194 1.53 5.99 -15.94
CA ILE A 194 1.96 5.32 -17.18
C ILE A 194 0.90 4.31 -17.64
N ASN A 195 0.27 3.63 -16.70
CA ASN A 195 -0.79 2.67 -16.99
C ASN A 195 -2.17 3.30 -17.34
N GLY A 196 -2.34 4.61 -17.17
CA GLY A 196 -3.58 5.26 -17.50
C GLY A 196 -4.65 5.14 -16.46
N GLU A 197 -4.26 4.88 -15.21
CA GLU A 197 -5.23 4.76 -14.14
C GLU A 197 -5.55 6.13 -13.55
N CYS A 198 -4.73 7.13 -13.81
CA CYS A 198 -5.04 8.50 -13.39
C CYS A 198 -4.29 9.42 -14.32
N ASP A 199 -4.68 10.70 -14.32
CA ASP A 199 -3.96 11.70 -15.10
C ASP A 199 -3.15 12.67 -14.25
N MSE A 200 -3.29 12.62 -12.93
CA MSE A 200 -2.39 13.33 -12.04
C MSE A 200 -2.39 12.60 -10.76
O MSE A 200 -3.40 12.00 -10.38
CB MSE A 200 -2.91 14.76 -11.80
CG MSE A 200 -2.04 15.64 -10.91
SE MSE A 200 -2.37 17.61 -11.24
CE MSE A 200 -4.13 17.61 -10.37
N ALA A 201 -1.25 12.56 -10.09
CA ALA A 201 -1.16 11.82 -8.85
C ALA A 201 -0.45 12.66 -7.75
N LEU A 202 -0.88 12.50 -6.52
CA LEU A 202 -0.17 13.01 -5.37
C LEU A 202 0.51 11.82 -4.69
N ALA A 203 1.79 11.98 -4.36
CA ALA A 203 2.51 10.90 -3.69
C ALA A 203 3.42 11.45 -2.63
N GLY A 204 3.50 10.75 -1.52
CA GLY A 204 4.47 11.10 -0.50
C GLY A 204 4.26 10.33 0.77
N GLY A 205 4.55 10.98 1.88
CA GLY A 205 4.45 10.36 3.19
C GLY A 205 4.61 11.32 4.35
N VAL A 206 4.39 10.80 5.54
CA VAL A 206 4.33 11.65 6.70
C VAL A 206 4.82 10.91 7.94
N THR A 207 5.59 11.63 8.75
CA THR A 207 6.06 11.15 10.05
C THR A 207 5.89 12.23 11.12
N VAL A 208 5.10 11.91 12.14
CA VAL A 208 4.99 12.77 13.32
C VAL A 208 5.01 11.90 14.57
N LYS A 209 6.21 11.62 15.06
CA LYS A 209 6.39 10.88 16.29
C LYS A 209 6.25 11.80 17.50
N LEU A 210 5.53 11.32 18.50
CA LEU A 210 5.26 12.08 19.71
C LEU A 210 5.76 11.32 20.93
N PRO A 211 6.12 12.01 22.01
CA PRO A 211 6.18 13.46 22.08
C PRO A 211 7.39 14.00 21.30
N GLN A 212 7.30 15.25 20.84
CA GLN A 212 8.35 15.75 19.98
C GLN A 212 9.54 16.29 20.76
N ALA A 213 9.30 16.92 21.91
CA ALA A 213 10.36 17.59 22.67
C ALA A 213 11.02 16.60 23.65
N ARG A 214 11.81 15.72 23.10
CA ARG A 214 12.35 14.59 23.81
C ARG A 214 13.60 14.14 23.04
N GLY A 215 14.62 13.73 23.78
CA GLY A 215 15.80 13.12 23.19
C GLY A 215 15.65 11.63 23.28
N TYR A 216 16.77 10.92 23.34
CA TYR A 216 16.78 9.47 23.40
C TYR A 216 18.03 8.97 24.11
N LEU A 217 18.04 7.72 24.55
CA LEU A 217 19.23 7.13 25.15
C LEU A 217 20.04 6.47 24.06
N TYR A 218 21.29 6.89 23.89
CA TYR A 218 22.17 6.21 22.94
C TYR A 218 22.39 4.77 23.40
N GLU A 219 22.41 3.84 22.47
CA GLU A 219 22.55 2.44 22.81
C GLU A 219 23.41 1.78 21.73
N GLU A 220 24.46 1.09 22.13
CA GLU A 220 25.35 0.44 21.16
C GLU A 220 24.63 -0.65 20.42
N GLY A 221 24.88 -0.73 19.13
CA GLY A 221 24.13 -1.63 18.30
C GLY A 221 22.71 -1.22 17.91
N ALA A 222 22.10 -0.18 18.50
CA ALA A 222 20.90 0.42 17.87
C ALA A 222 21.33 1.49 16.84
N ILE A 223 20.39 2.07 16.10
CA ILE A 223 20.79 2.81 14.92
C ILE A 223 20.99 4.31 15.15
N LEU A 224 20.79 4.77 16.39
CA LEU A 224 20.86 6.20 16.67
C LEU A 224 22.25 6.67 17.09
N SER A 225 22.58 7.88 16.66
CA SER A 225 23.86 8.57 16.91
C SER A 225 24.17 8.85 18.39
N PRO A 226 25.46 8.74 18.79
CA PRO A 226 25.79 9.04 20.18
C PRO A 226 25.85 10.50 20.49
N ASP A 227 25.84 11.36 19.47
CA ASP A 227 26.00 12.82 19.70
C ASP A 227 24.90 13.67 19.11
N GLY A 228 23.87 13.05 18.54
CA GLY A 228 22.77 13.83 17.92
C GLY A 228 23.13 14.45 16.58
N ARG A 229 24.23 14.03 15.99
CA ARG A 229 24.58 14.44 14.63
C ARG A 229 24.49 13.26 13.69
N VAL A 230 24.26 13.55 12.40
CA VAL A 230 24.19 12.55 11.37
C VAL A 230 25.36 12.83 10.43
N ARG A 231 26.39 12.01 10.59
CA ARG A 231 27.67 12.23 9.93
C ARG A 231 27.83 11.36 8.70
N THR A 232 26.98 11.58 7.71
CA THR A 232 26.90 10.68 6.55
C THR A 232 28.22 10.65 5.77
N PHE A 233 28.69 9.43 5.48
CA PHE A 233 29.89 9.17 4.68
C PHE A 233 31.18 9.50 5.39
N ASP A 234 31.08 9.99 6.63
CA ASP A 234 32.24 10.38 7.41
C ASP A 234 32.83 9.17 8.17
N ALA A 235 34.12 9.26 8.49
CA ALA A 235 34.77 8.26 9.30
C ALA A 235 34.14 8.17 10.65
N GLU A 236 33.53 9.24 11.15
CA GLU A 236 32.92 9.22 12.46
C GLU A 236 31.42 8.91 12.43
N ALA A 237 30.91 8.42 11.31
CA ALA A 237 29.52 8.06 11.26
C ALA A 237 29.22 7.10 12.42
N GLY A 238 28.20 7.42 13.20
CA GLY A 238 27.85 6.60 14.38
C GLY A 238 26.36 6.36 14.59
N GLY A 239 25.56 6.56 13.55
CA GLY A 239 24.12 6.44 13.66
C GLY A 239 23.36 7.65 13.19
N THR A 240 22.05 7.48 13.17
CA THR A 240 21.20 8.48 12.63
C THR A 240 20.48 9.21 13.77
N VAL A 241 19.69 10.22 13.40
CA VAL A 241 18.84 10.92 14.32
C VAL A 241 17.45 10.99 13.65
N LEU A 242 16.39 10.80 14.43
CA LEU A 242 15.05 10.82 13.89
C LEU A 242 14.50 12.22 13.77
N GLY A 243 13.68 12.39 12.73
CA GLY A 243 12.96 13.63 12.52
C GLY A 243 11.54 13.41 12.02
N ASN A 244 10.70 14.38 12.33
CA ASN A 244 9.35 14.44 11.85
C ASN A 244 9.27 15.28 10.60
N GLY A 245 8.41 14.91 9.67
CA GLY A 245 8.31 15.62 8.39
C GLY A 245 7.16 15.12 7.53
N VAL A 246 6.83 15.88 6.49
CA VAL A 246 5.83 15.48 5.53
C VAL A 246 6.27 16.04 4.20
N GLY A 247 6.02 15.28 3.15
CA GLY A 247 6.27 15.73 1.77
C GLY A 247 5.28 15.13 0.80
N ILE A 248 4.88 15.91 -0.21
CA ILE A 248 4.02 15.49 -1.27
C ILE A 248 4.55 16.06 -2.58
N VAL A 249 4.58 15.24 -3.63
CA VAL A 249 4.81 15.72 -5.00
C VAL A 249 3.59 15.45 -5.83
N VAL A 250 3.39 16.31 -6.83
CA VAL A 250 2.29 16.25 -7.75
C VAL A 250 2.93 15.81 -9.05
N LEU A 251 2.42 14.69 -9.57
CA LEU A 251 3.00 14.03 -10.75
C LEU A 251 2.04 13.97 -11.89
N LYS A 252 2.54 14.17 -13.11
CA LYS A 252 1.73 14.01 -14.34
C LYS A 252 2.63 13.42 -15.41
N LEU A 253 2.07 12.83 -16.46
CA LEU A 253 2.88 12.47 -17.62
C LEU A 253 3.50 13.74 -18.20
N LEU A 254 4.77 13.64 -18.55
CA LEU A 254 5.49 14.77 -19.08
C LEU A 254 4.77 15.45 -20.25
N ALA A 255 4.29 14.67 -21.20
CA ALA A 255 3.64 15.25 -22.39
C ALA A 255 2.40 16.07 -22.01
N ASP A 256 1.67 15.67 -20.96
CA ASP A 256 0.51 16.42 -20.50
C ASP A 256 0.89 17.71 -19.83
N ALA A 257 1.98 17.67 -19.08
CA ALA A 257 2.47 18.83 -18.39
C ALA A 257 2.96 19.89 -19.39
N LEU A 258 3.66 19.45 -20.42
CA LEU A 258 4.11 20.32 -21.49
C LEU A 258 2.89 20.91 -22.24
N ASP A 259 1.95 20.06 -22.57
CA ASP A 259 0.71 20.51 -23.25
C ASP A 259 -0.04 21.56 -22.41
N ALA A 260 -0.10 21.34 -21.10
CA ALA A 260 -0.83 22.24 -20.21
C ALA A 260 -0.09 23.55 -19.82
N GLY A 261 1.22 23.63 -20.03
CA GLY A 261 2.00 24.78 -19.54
C GLY A 261 2.25 24.76 -18.03
N ASP A 262 2.24 23.58 -17.42
CA ASP A 262 2.52 23.48 -16.00
C ASP A 262 3.99 23.85 -15.77
N THR A 263 4.26 24.32 -14.58
CA THR A 263 5.62 24.51 -14.12
C THR A 263 6.18 23.10 -13.81
N ILE A 264 7.32 22.79 -14.42
CA ILE A 264 7.91 21.49 -14.31
C ILE A 264 9.19 21.62 -13.51
N HIS A 265 9.22 21.03 -12.32
CA HIS A 265 10.38 21.13 -11.45
C HIS A 265 11.50 20.19 -11.86
N ALA A 266 11.12 18.99 -12.24
CA ALA A 266 12.00 17.94 -12.69
C ALA A 266 11.19 16.88 -13.43
N VAL A 267 11.90 16.02 -14.13
CA VAL A 267 11.34 14.84 -14.79
C VAL A 267 11.83 13.54 -14.11
N ILE A 268 10.90 12.67 -13.70
CA ILE A 268 11.22 11.36 -13.25
C ILE A 268 11.32 10.44 -14.48
N LYS A 269 12.54 10.01 -14.82
CA LYS A 269 12.75 9.20 -16.02
C LYS A 269 12.41 7.77 -15.77
N GLY A 270 12.42 7.34 -14.53
CA GLY A 270 12.15 5.95 -14.23
C GLY A 270 12.37 5.69 -12.77
N THR A 271 11.73 4.63 -12.28
CA THR A 271 11.80 4.20 -10.88
C THR A 271 11.82 2.69 -10.82
N ALA A 272 12.40 2.12 -9.75
CA ALA A 272 12.38 0.68 -9.60
C ALA A 272 12.29 0.33 -8.12
N THR A 273 11.70 -0.80 -7.84
CA THR A 273 11.68 -1.37 -6.47
C THR A 273 12.01 -2.85 -6.51
N ASN A 274 12.48 -3.38 -5.37
CA ASN A 274 12.64 -4.81 -5.18
C ASN A 274 12.66 -5.11 -3.68
N ASN A 275 12.94 -6.36 -3.32
CA ASN A 275 13.20 -6.69 -1.93
C ASN A 275 14.49 -7.46 -1.87
N ASP A 276 15.27 -7.24 -0.79
CA ASP A 276 16.55 -7.99 -0.55
C ASP A 276 16.37 -9.53 -0.48
N GLY A 277 15.15 -9.97 -0.16
CA GLY A 277 14.94 -11.36 0.21
C GLY A 277 15.83 -11.67 1.39
N SER A 278 16.42 -12.87 1.41
CA SER A 278 17.25 -13.31 2.51
C SER A 278 18.73 -13.22 2.14
N LEU A 279 19.06 -12.55 1.04
CA LEU A 279 20.46 -12.42 0.62
C LEU A 279 21.19 -11.29 1.38
N LYS A 280 21.33 -11.49 2.69
CA LYS A 280 22.02 -10.58 3.63
C LYS A 280 21.94 -11.30 4.98
N VAL A 281 22.59 -10.79 6.01
CA VAL A 281 22.71 -11.61 7.23
C VAL A 281 21.60 -11.58 8.27
N SER A 282 20.81 -10.52 8.30
CA SER A 282 19.65 -10.46 9.20
C SER A 282 18.55 -9.61 8.57
N TYR A 283 17.36 -9.68 9.14
CA TYR A 283 16.22 -8.95 8.66
C TYR A 283 16.45 -7.46 8.62
N ALA A 284 17.11 -6.95 9.64
CA ALA A 284 17.35 -5.53 9.81
C ALA A 284 18.64 -5.00 9.07
N ALA A 285 19.50 -5.89 8.63
CA ALA A 285 20.72 -5.48 7.92
C ALA A 285 20.44 -4.91 6.55
N PRO A 286 21.36 -4.03 6.07
CA PRO A 286 21.20 -3.48 4.72
C PRO A 286 21.62 -4.55 3.75
N GLY A 287 21.04 -4.55 2.55
CA GLY A 287 21.28 -5.61 1.61
C GLY A 287 22.04 -5.04 0.44
N LYS A 288 23.35 -5.26 0.42
CA LYS A 288 24.17 -4.77 -0.72
C LYS A 288 23.61 -5.21 -2.07
N GLU A 289 23.34 -6.51 -2.18
CA GLU A 289 22.89 -7.12 -3.43
C GLU A 289 21.58 -6.56 -3.91
N GLY A 290 20.63 -6.39 -3.00
CA GLY A 290 19.34 -5.84 -3.38
C GLY A 290 19.42 -4.39 -3.77
N GLN A 291 20.19 -3.63 -3.00
CA GLN A 291 20.44 -2.22 -3.38
C GLN A 291 21.10 -2.08 -4.74
N ALA A 292 22.15 -2.81 -4.98
CA ALA A 292 22.76 -2.78 -6.29
C ALA A 292 21.75 -3.14 -7.42
N ALA A 293 20.93 -4.15 -7.19
CA ALA A 293 19.99 -4.57 -8.22
C ALA A 293 18.92 -3.53 -8.48
N VAL A 294 18.44 -2.84 -7.44
CA VAL A 294 17.41 -1.84 -7.65
C VAL A 294 17.94 -0.61 -8.42
N VAL A 295 19.20 -0.26 -8.19
CA VAL A 295 19.81 0.87 -8.88
C VAL A 295 20.01 0.55 -10.37
N ALA A 296 20.54 -0.64 -10.61
CA ALA A 296 20.80 -1.09 -11.97
C ALA A 296 19.45 -1.21 -12.75
N GLU A 297 18.41 -1.73 -12.11
CA GLU A 297 17.08 -1.81 -12.72
C GLU A 297 16.52 -0.44 -13.01
N ALA A 298 16.73 0.52 -12.10
CA ALA A 298 16.25 1.88 -12.34
C ALA A 298 16.96 2.47 -13.57
N HIS A 299 18.24 2.20 -13.73
CA HIS A 299 18.96 2.66 -14.93
C HIS A 299 18.41 2.05 -16.23
N ALA A 300 18.18 0.73 -16.21
CA ALA A 300 17.62 0.02 -17.37
C ALA A 300 16.23 0.54 -17.72
N VAL A 301 15.31 0.63 -16.77
CA VAL A 301 13.98 1.07 -17.15
C VAL A 301 13.94 2.55 -17.58
N SER A 302 14.83 3.39 -17.07
CA SER A 302 14.81 4.77 -17.47
C SER A 302 15.65 5.04 -18.75
N GLY A 303 16.35 4.05 -19.26
CA GLY A 303 17.31 4.27 -20.36
C GLY A 303 18.49 5.17 -20.00
N THR A 304 18.95 5.16 -18.75
CA THR A 304 19.93 6.11 -18.28
C THR A 304 21.29 5.45 -18.17
N GLU A 305 22.29 5.93 -18.89
CA GLU A 305 23.67 5.48 -18.69
C GLU A 305 24.17 6.01 -17.35
N PRO A 306 24.76 5.16 -16.52
CA PRO A 306 25.32 5.67 -15.27
C PRO A 306 26.30 6.85 -15.40
N GLU A 307 27.13 6.87 -16.43
CA GLU A 307 28.03 8.01 -16.59
C GLU A 307 27.31 9.34 -16.85
N SER A 308 26.02 9.32 -17.19
CA SER A 308 25.27 10.55 -17.35
C SER A 308 24.71 11.07 -16.02
N VAL A 309 24.85 10.31 -14.93
CA VAL A 309 24.28 10.71 -13.64
C VAL A 309 25.34 11.39 -12.79
N THR A 310 25.09 12.63 -12.36
CA THR A 310 26.14 13.41 -11.72
C THR A 310 25.79 13.82 -10.30
N TYR A 311 24.63 13.39 -9.78
CA TYR A 311 24.36 13.48 -8.35
C TYR A 311 23.55 12.30 -7.91
N VAL A 312 23.84 11.80 -6.71
CA VAL A 312 22.96 10.85 -6.08
C VAL A 312 22.62 11.27 -4.67
N GLU A 313 21.33 11.32 -4.39
CA GLU A 313 20.81 11.53 -3.05
C GLU A 313 20.71 10.15 -2.44
N ALA A 314 21.66 9.86 -1.56
CA ALA A 314 21.76 8.60 -0.94
C ALA A 314 20.69 8.45 0.11
N HIS A 315 20.40 7.22 0.43
CA HIS A 315 19.57 6.92 1.58
C HIS A 315 20.28 7.51 2.81
N GLY A 316 21.58 7.20 2.93
CA GLY A 316 22.52 8.07 3.70
C GLY A 316 22.20 8.36 5.17
N THR A 317 22.00 7.28 5.89
CA THR A 317 21.57 7.39 7.25
C THR A 317 22.73 7.61 8.27
N ALA A 318 23.98 7.29 7.88
CA ALA A 318 25.13 7.55 8.71
C ALA A 318 25.35 6.47 9.76
N THR A 319 24.82 5.29 9.52
CA THR A 319 25.15 4.16 10.36
C THR A 319 26.52 3.67 9.94
N ARG A 320 27.21 3.08 10.88
CA ARG A 320 28.57 2.53 10.67
C ARG A 320 28.66 1.50 9.52
N LEU A 321 27.61 0.68 9.36
CA LEU A 321 27.59 -0.38 8.35
C LEU A 321 26.82 0.00 7.13
N GLY A 322 25.82 0.83 7.34
CA GLY A 322 24.98 1.26 6.29
C GLY A 322 25.78 1.98 5.23
N ASP A 323 26.66 2.91 5.64
CA ASP A 323 27.19 3.84 4.65
C ASP A 323 28.07 3.09 3.62
N PRO A 324 29.01 2.24 4.07
CA PRO A 324 29.83 1.49 3.11
C PRO A 324 29.03 0.51 2.24
N VAL A 325 27.98 -0.10 2.79
CA VAL A 325 27.16 -0.94 1.98
C VAL A 325 26.48 -0.13 0.87
N GLU A 326 25.99 1.06 1.19
CA GLU A 326 25.23 1.84 0.23
C GLU A 326 26.12 2.26 -0.94
N VAL A 327 27.34 2.71 -0.61
CA VAL A 327 28.26 3.13 -1.66
C VAL A 327 28.78 1.95 -2.51
N ALA A 328 29.08 0.82 -1.88
CA ALA A 328 29.52 -0.38 -2.64
C ALA A 328 28.41 -0.85 -3.59
N ALA A 329 27.16 -0.84 -3.12
CA ALA A 329 26.00 -1.15 -3.93
C ALA A 329 25.84 -0.25 -5.15
N LEU A 330 25.93 1.07 -4.91
CA LEU A 330 25.85 2.05 -5.99
C LEU A 330 27.00 1.85 -6.96
N THR A 331 28.18 1.56 -6.43
CA THR A 331 29.35 1.39 -7.27
C THR A 331 29.21 0.12 -8.14
N ASP A 332 28.76 -0.95 -7.53
CA ASP A 332 28.36 -2.18 -8.25
C ASP A 332 27.41 -1.86 -9.44
N ALA A 333 26.33 -1.16 -9.18
CA ALA A 333 25.35 -0.83 -10.22
C ALA A 333 25.99 0.06 -11.29
N PHE A 334 26.75 1.06 -10.88
CA PHE A 334 27.33 1.99 -11.88
C PHE A 334 28.38 1.31 -12.78
N ARG A 335 29.20 0.48 -12.16
CA ARG A 335 30.21 -0.27 -12.89
C ARG A 335 29.67 -1.19 -13.97
N ARG A 336 28.39 -1.51 -13.95
CA ARG A 336 27.85 -2.30 -15.04
C ARG A 336 27.86 -1.48 -16.34
N GLY A 337 27.97 -0.16 -16.27
CA GLY A 337 27.95 0.69 -17.46
C GLY A 337 29.22 1.49 -17.68
N THR A 338 30.04 1.71 -16.66
CA THR A 338 31.19 2.59 -16.79
C THR A 338 32.26 2.27 -15.79
N SER A 339 33.51 2.44 -16.20
CA SER A 339 34.63 2.30 -15.28
C SER A 339 35.12 3.70 -14.81
N ASP A 340 34.48 4.77 -15.22
CA ASP A 340 34.92 6.11 -14.81
C ASP A 340 34.71 6.31 -13.34
N THR A 341 35.52 7.19 -12.78
CA THR A 341 35.51 7.46 -11.34
C THR A 341 35.38 8.96 -11.14
N GLY A 342 34.93 9.34 -9.97
CA GLY A 342 34.95 10.73 -9.49
C GLY A 342 34.09 11.72 -10.28
N PHE A 343 32.95 11.30 -10.79
CA PHE A 343 32.19 12.20 -11.63
C PHE A 343 30.81 12.49 -11.03
N CYS A 344 30.44 11.80 -9.95
CA CYS A 344 29.12 11.92 -9.43
C CYS A 344 29.15 12.31 -7.96
N ALA A 345 28.56 13.47 -7.66
CA ALA A 345 28.48 13.93 -6.28
C ALA A 345 27.48 13.04 -5.54
N ILE A 346 27.71 12.84 -4.25
CA ILE A 346 26.78 12.10 -3.45
C ILE A 346 26.52 12.90 -2.18
N GLY A 347 25.31 12.77 -1.65
CA GLY A 347 24.91 13.59 -0.50
C GLY A 347 23.70 12.96 0.19
N SER A 348 23.34 13.50 1.35
CA SER A 348 22.14 13.08 2.10
C SER A 348 21.58 14.23 2.92
N LEU A 349 20.33 14.55 2.66
CA LEU A 349 19.62 15.56 3.47
C LEU A 349 19.42 15.04 4.89
N LYS A 350 19.64 13.75 5.15
CA LYS A 350 19.58 13.27 6.57
C LYS A 350 20.62 13.96 7.47
N SER A 351 21.73 14.42 6.89
CA SER A 351 22.73 15.18 7.60
C SER A 351 22.17 16.52 8.08
N ASN A 352 21.20 17.10 7.36
CA ASN A 352 20.57 18.34 7.78
C ASN A 352 19.41 18.14 8.73
N VAL A 353 18.51 17.19 8.39
CA VAL A 353 17.22 17.07 9.07
C VAL A 353 16.88 15.79 9.73
N GLY A 354 17.80 14.83 9.75
CA GLY A 354 17.47 13.53 10.30
C GLY A 354 16.76 12.61 9.33
N HIS A 355 16.43 11.45 9.87
CA HIS A 355 15.79 10.38 9.18
C HIS A 355 14.30 10.56 9.39
N LEU A 356 13.61 10.99 8.33
CA LEU A 356 12.15 11.31 8.35
C LEU A 356 11.21 10.10 8.12
N ASP A 357 11.76 8.90 8.20
CA ASP A 357 11.01 7.65 8.20
C ASP A 357 10.11 7.54 6.94
N ALA A 358 8.79 7.47 7.10
CA ALA A 358 7.88 7.43 5.95
C ALA A 358 8.03 8.60 4.99
N ALA A 359 8.45 9.77 5.47
CA ALA A 359 8.66 10.92 4.60
C ALA A 359 10.07 11.02 4.02
N ALA A 360 10.96 10.08 4.34
CA ALA A 360 12.36 10.20 3.90
C ALA A 360 12.53 10.20 2.38
N GLY A 361 11.84 9.33 1.68
CA GLY A 361 12.01 9.22 0.23
C GLY A 361 11.54 10.45 -0.54
N VAL A 362 10.34 10.90 -0.21
CA VAL A 362 9.80 12.12 -0.83
C VAL A 362 10.64 13.33 -0.49
N ALA A 363 11.18 13.40 0.74
CA ALA A 363 12.12 14.46 1.06
C ALA A 363 13.33 14.46 0.12
N GLY A 364 13.85 13.30 -0.20
CA GLY A 364 14.96 13.14 -1.15
C GLY A 364 14.65 13.61 -2.56
N VAL A 365 13.46 13.23 -3.03
CA VAL A 365 12.95 13.65 -4.31
C VAL A 365 12.77 15.17 -4.37
N ILE A 366 12.20 15.75 -3.30
CA ILE A 366 12.06 17.22 -3.23
C ILE A 366 13.43 17.93 -3.28
N LYS A 367 14.36 17.48 -2.46
CA LYS A 367 15.68 18.09 -2.45
C LYS A 367 16.25 18.04 -3.86
N THR A 368 16.12 16.90 -4.52
CA THR A 368 16.75 16.70 -5.80
C THR A 368 16.04 17.53 -6.89
N ALA A 369 14.73 17.62 -6.84
CA ALA A 369 14.00 18.48 -7.74
C ALA A 369 14.35 19.94 -7.56
N LEU A 370 14.55 20.37 -6.32
CA LEU A 370 15.03 21.72 -6.01
C LEU A 370 16.41 22.00 -6.58
N MSE A 371 17.33 21.07 -6.38
CA MSE A 371 18.67 21.18 -7.00
C MSE A 371 18.60 21.33 -8.50
O MSE A 371 19.32 22.15 -9.08
CB MSE A 371 19.51 19.96 -6.64
CG MSE A 371 19.84 19.96 -5.15
SE MSE A 371 20.73 18.19 -4.78
CE MSE A 371 22.13 18.22 -6.15
N LEU A 372 17.75 20.53 -9.15
CA LEU A 372 17.64 20.57 -10.61
C LEU A 372 17.08 21.91 -11.12
N ARG A 373 16.04 22.40 -10.45
CA ARG A 373 15.41 23.67 -10.85
C ARG A 373 16.32 24.85 -10.59
N HIS A 374 17.02 24.85 -9.46
CA HIS A 374 17.95 25.91 -9.20
C HIS A 374 19.33 25.68 -9.84
N ARG A 375 19.53 24.53 -10.47
CA ARG A 375 20.83 24.16 -11.04
C ARG A 375 21.98 24.35 -10.04
N SER A 376 21.80 23.78 -8.84
CA SER A 376 22.76 23.99 -7.80
C SER A 376 22.94 22.75 -6.96
N LEU A 377 24.17 22.44 -6.58
CA LEU A 377 24.45 21.40 -5.59
C LEU A 377 24.43 22.11 -4.25
N VAL A 378 24.37 21.34 -3.18
CA VAL A 378 24.42 21.89 -1.83
C VAL A 378 25.23 20.98 -0.93
N PRO A 379 25.62 21.44 0.26
CA PRO A 379 26.48 20.57 1.09
C PRO A 379 25.74 19.39 1.71
N THR A 380 26.50 18.33 1.98
CA THR A 380 26.18 17.36 3.01
C THR A 380 26.93 17.78 4.24
N LEU A 381 26.27 17.74 5.40
CA LEU A 381 26.81 18.31 6.66
C LEU A 381 27.68 17.35 7.43
N ASN A 382 28.47 17.91 8.35
CA ASN A 382 29.28 17.19 9.31
C ASN A 382 30.39 16.38 8.62
N HIS A 383 30.77 16.72 7.40
CA HIS A 383 31.69 15.84 6.68
C HIS A 383 33.09 16.37 6.74
N GLU A 384 33.96 15.71 7.49
CA GLU A 384 35.37 16.13 7.66
C GLU A 384 36.41 15.13 7.09
N ARG A 385 36.10 13.84 7.12
CA ARG A 385 37.02 12.80 6.68
C ARG A 385 36.22 11.63 6.13
N PRO A 386 36.42 11.28 4.85
CA PRO A 386 35.65 10.20 4.26
C PRO A 386 35.89 8.88 5.01
N ASN A 387 34.83 8.09 5.17
CA ASN A 387 34.95 6.78 5.80
C ASN A 387 35.98 5.93 5.04
N PRO A 388 37.03 5.42 5.75
CA PRO A 388 38.12 4.71 5.04
C PRO A 388 37.72 3.28 4.63
N ALA A 389 36.56 2.84 5.08
CA ALA A 389 35.99 1.64 4.57
C ALA A 389 35.43 1.81 3.16
N ILE A 390 35.41 3.05 2.68
CA ILE A 390 34.92 3.36 1.33
C ILE A 390 36.08 4.05 0.63
N ASP A 391 36.67 3.45 -0.36
CA ASP A 391 37.74 4.14 -1.05
C ASP A 391 37.04 4.92 -2.16
N PHE A 392 36.57 6.10 -1.82
CA PHE A 392 35.76 6.90 -2.77
C PHE A 392 36.42 7.10 -4.10
N ALA A 393 37.74 7.30 -4.11
CA ALA A 393 38.50 7.54 -5.33
C ALA A 393 38.42 6.39 -6.34
N ALA A 394 38.15 5.19 -5.86
CA ALA A 394 37.99 4.05 -6.78
C ALA A 394 36.53 3.95 -7.31
N THR A 395 35.64 4.87 -6.91
CA THR A 395 34.22 4.80 -7.28
C THR A 395 33.84 5.99 -8.16
N PRO A 396 32.61 6.00 -8.68
CA PRO A 396 32.09 7.19 -9.36
C PRO A 396 31.92 8.41 -8.45
N PHE A 397 31.94 8.20 -7.13
CA PHE A 397 31.39 9.14 -6.17
C PHE A 397 32.40 9.97 -5.38
N TYR A 398 32.02 11.23 -5.14
CA TYR A 398 32.68 12.07 -4.17
C TYR A 398 31.62 12.84 -3.35
N VAL A 399 31.98 13.17 -2.12
CA VAL A 399 31.05 13.86 -1.22
C VAL A 399 31.14 15.36 -1.44
N ASN A 400 30.03 15.96 -1.87
CA ASN A 400 30.02 17.38 -2.14
C ASN A 400 29.72 18.16 -0.87
N THR A 401 30.51 19.18 -0.59
CA THR A 401 30.35 19.94 0.65
C THR A 401 30.10 21.43 0.39
N GLU A 402 29.82 21.82 -0.85
CA GLU A 402 29.67 23.24 -1.17
C GLU A 402 28.40 23.53 -1.98
N THR A 403 27.73 24.64 -1.67
CA THR A 403 26.68 25.15 -2.52
C THR A 403 27.32 25.76 -3.76
N ARG A 404 26.98 25.29 -4.94
CA ARG A 404 27.65 25.77 -6.16
C ARG A 404 26.87 25.35 -7.39
N PRO A 405 27.11 26.02 -8.54
CA PRO A 405 26.39 25.68 -9.76
C PRO A 405 26.55 24.23 -10.17
N TRP A 406 25.48 23.59 -10.57
CA TRP A 406 25.54 22.26 -11.13
C TRP A 406 25.40 22.43 -12.63
N ALA A 407 26.42 22.07 -13.38
CA ALA A 407 26.36 22.19 -14.87
C ALA A 407 27.01 20.96 -15.53
N GLY A 408 26.69 20.74 -16.81
CA GLY A 408 27.17 19.54 -17.50
C GLY A 408 26.85 19.63 -18.98
N GLU A 409 27.53 18.80 -19.76
CA GLU A 409 27.35 18.75 -21.23
C GLU A 409 25.93 18.31 -21.62
N GLY A 410 25.45 17.22 -21.02
CA GLY A 410 24.09 16.74 -21.28
C GLY A 410 23.17 17.21 -20.16
N PRO A 411 21.87 16.85 -20.25
CA PRO A 411 20.92 17.28 -19.22
C PRO A 411 21.33 16.76 -17.85
N LEU A 412 21.10 17.56 -16.82
CA LEU A 412 21.44 17.15 -15.48
C LEU A 412 20.53 16.00 -15.08
N ARG A 413 21.16 14.96 -14.52
CA ARG A 413 20.50 13.79 -14.02
C ARG A 413 21.00 13.40 -12.65
N ALA A 414 20.09 12.86 -11.86
CA ALA A 414 20.38 12.43 -10.52
C ALA A 414 19.64 11.15 -10.15
N GLY A 415 20.17 10.39 -9.20
CA GLY A 415 19.47 9.27 -8.61
C GLY A 415 19.02 9.61 -7.20
N VAL A 416 17.96 8.95 -6.72
CA VAL A 416 17.48 9.14 -5.38
C VAL A 416 17.18 7.75 -4.86
N SER A 417 17.74 7.38 -3.71
CA SER A 417 17.50 6.06 -3.11
C SER A 417 16.75 6.17 -1.82
N SER A 418 15.99 5.11 -1.50
CA SER A 418 15.36 5.00 -0.20
C SER A 418 15.20 3.52 0.14
N PHE A 419 15.77 3.08 1.26
CA PHE A 419 15.84 1.64 1.62
C PHE A 419 15.23 1.45 2.99
N GLY A 420 14.41 0.44 3.15
CA GLY A 420 13.63 0.32 4.37
C GLY A 420 14.12 -0.85 5.18
N ILE A 421 13.97 -0.78 6.50
CA ILE A 421 14.03 -1.94 7.35
C ILE A 421 13.03 -2.92 6.78
N GLY A 422 13.48 -4.13 6.52
CA GLY A 422 12.63 -5.16 5.92
C GLY A 422 12.95 -5.36 4.45
N GLY A 423 13.77 -4.49 3.84
CA GLY A 423 14.44 -4.87 2.64
C GLY A 423 13.81 -4.39 1.37
N THR A 424 12.73 -3.60 1.45
CA THR A 424 12.12 -3.16 0.21
C THR A 424 12.83 -1.87 -0.17
N ASN A 425 13.53 -1.93 -1.29
CA ASN A 425 14.37 -0.89 -1.78
C ASN A 425 13.71 -0.14 -2.91
N ALA A 426 14.00 1.17 -3.05
CA ALA A 426 13.52 1.98 -4.22
C ALA A 426 14.60 2.90 -4.70
N HIS A 427 14.67 3.13 -6.00
CA HIS A 427 15.56 4.12 -6.59
C HIS A 427 14.88 4.77 -7.80
N ALA A 428 15.07 6.07 -7.96
CA ALA A 428 14.41 6.85 -9.01
C ALA A 428 15.47 7.64 -9.69
N ILE A 429 15.33 7.84 -10.99
CA ILE A 429 16.23 8.68 -11.75
C ILE A 429 15.45 9.95 -12.13
N LEU A 430 16.02 11.12 -11.77
CA LEU A 430 15.41 12.40 -12.11
C LEU A 430 16.29 13.17 -13.11
N GLN A 431 15.66 13.98 -13.95
CA GLN A 431 16.36 14.78 -14.95
C GLN A 431 15.85 16.24 -14.89
N GLU A 432 16.67 17.18 -15.33
CA GLU A 432 16.26 18.55 -15.40
C GLU A 432 14.99 18.68 -16.28
N ALA A 433 14.16 19.65 -15.95
CA ALA A 433 12.99 20.03 -16.78
C ALA A 433 13.45 20.44 -18.17
N PRO A 434 12.69 20.12 -19.22
CA PRO A 434 13.13 20.62 -20.53
C PRO A 434 13.07 22.17 -20.66
N GLU A 435 13.84 22.75 -21.59
CA GLU A 435 13.81 24.20 -21.89
C GLU A 435 12.40 24.59 -22.29
N GLN A 436 11.93 25.72 -21.79
CA GLN A 436 10.70 26.35 -22.24
C GLN A 436 11.11 27.77 -22.64
N GLY A 437 10.58 28.24 -23.74
CA GLY A 437 10.79 29.61 -24.11
C GLY A 437 10.09 30.54 -23.11
N PRO A 438 10.08 31.83 -23.42
CA PRO A 438 9.37 32.78 -22.60
C PRO A 438 7.86 32.55 -22.64
N THR A 439 7.17 32.93 -21.59
CA THR A 439 5.73 32.77 -21.56
C THR A 439 5.10 33.74 -22.61
N GLU A 440 3.96 33.37 -23.17
CA GLU A 440 3.29 34.17 -24.19
C GLU A 440 2.68 35.44 -23.59
N PRO A 441 3.05 36.64 -24.10
CA PRO A 441 2.44 37.88 -23.60
C PRO A 441 0.94 37.92 -23.77
N SER A 442 0.21 38.42 -22.79
CA SER A 442 -1.22 38.66 -22.95
C SER A 442 -1.44 39.95 -23.77
N PRO A 443 -2.36 39.92 -24.74
CA PRO A 443 -2.68 41.18 -25.37
C PRO A 443 -3.61 42.06 -24.50
N ARG A 444 -4.00 41.60 -23.33
CA ARG A 444 -4.87 42.45 -22.50
C ARG A 444 -4.07 43.59 -21.86
N ALA A 445 -4.69 44.76 -21.70
CA ALA A 445 -4.03 45.92 -21.07
C ALA A 445 -3.85 45.71 -19.57
N GLU A 446 -4.77 44.97 -18.97
CA GLU A 446 -4.79 44.75 -17.52
C GLU A 446 -5.18 43.29 -17.23
N GLN A 447 -4.76 42.80 -16.07
CA GLN A 447 -5.15 41.47 -15.60
C GLN A 447 -6.03 41.60 -14.39
N LEU A 448 -6.78 40.55 -14.12
CA LEU A 448 -7.68 40.49 -13.01
C LEU A 448 -7.13 39.40 -12.06
N LEU A 449 -6.68 39.82 -10.87
CA LEU A 449 -6.16 38.92 -9.85
C LEU A 449 -7.21 38.68 -8.83
N VAL A 450 -7.58 37.43 -8.62
CA VAL A 450 -8.61 37.16 -7.63
C VAL A 450 -8.03 36.42 -6.43
N LEU A 451 -8.64 36.62 -5.28
CA LEU A 451 -8.23 35.96 -4.04
C LEU A 451 -9.42 35.66 -3.18
N SER A 452 -9.46 34.53 -2.51
CA SER A 452 -10.64 34.27 -1.68
C SER A 452 -10.24 33.48 -0.48
N ALA A 453 -11.05 33.54 0.57
CA ALA A 453 -10.80 32.72 1.74
C ALA A 453 -12.05 32.50 2.58
N ARG A 454 -11.94 31.61 3.55
CA ARG A 454 -13.07 31.24 4.36
C ARG A 454 -13.37 32.33 5.39
N THR A 455 -12.38 33.14 5.73
CA THR A 455 -12.52 34.15 6.78
C THR A 455 -11.91 35.40 6.28
N ARG A 456 -12.37 36.52 6.84
CA ARG A 456 -11.79 37.82 6.58
C ARG A 456 -10.30 37.92 6.91
N THR A 457 -9.90 37.32 8.04
CA THR A 457 -8.49 37.36 8.42
C THR A 457 -7.58 36.61 7.47
N ALA A 458 -8.02 35.44 7.02
CA ALA A 458 -7.24 34.66 6.05
C ALA A 458 -7.18 35.44 4.74
N LEU A 459 -8.26 36.12 4.35
CA LEU A 459 -8.23 36.92 3.10
C LEU A 459 -7.19 38.02 3.17
N ASP A 460 -7.17 38.71 4.31
CA ASP A 460 -6.17 39.73 4.57
C ASP A 460 -4.73 39.17 4.56
N THR A 461 -4.50 38.03 5.19
CA THR A 461 -3.19 37.38 5.09
C THR A 461 -2.77 36.98 3.65
N LEU A 462 -3.68 36.36 2.90
CA LEU A 462 -3.44 36.06 1.47
C LEU A 462 -3.10 37.30 0.67
N THR A 463 -3.82 38.39 0.97
CA THR A 463 -3.62 39.62 0.22
C THR A 463 -2.20 40.11 0.47
N ASP A 464 -1.79 40.14 1.73
CA ASP A 464 -0.42 40.58 2.08
C ASP A 464 0.64 39.65 1.56
N ASP A 465 0.40 38.34 1.68
CA ASP A 465 1.33 37.34 1.16
C ASP A 465 1.53 37.51 -0.34
N LEU A 466 0.45 37.72 -1.09
CA LEU A 466 0.61 37.89 -2.54
C LEU A 466 1.40 39.14 -2.84
N ALA A 467 1.07 40.24 -2.16
CA ALA A 467 1.80 41.50 -2.36
C ALA A 467 3.26 41.26 -2.08
N ASP A 468 3.56 40.54 -0.99
CA ASP A 468 4.94 40.25 -0.64
C ASP A 468 5.64 39.47 -1.71
N HIS A 469 4.97 38.44 -2.22
CA HIS A 469 5.57 37.58 -3.22
C HIS A 469 5.85 38.35 -4.52
N LEU A 470 4.92 39.19 -4.95
CA LEU A 470 5.12 39.90 -6.19
C LEU A 470 6.21 40.96 -6.03
N GLU A 471 6.36 41.47 -4.80
CA GLU A 471 7.39 42.46 -4.51
C GLU A 471 8.74 41.82 -4.59
N ALA A 472 8.88 40.66 -3.95
CA ALA A 472 10.11 39.87 -3.95
C ALA A 472 10.42 39.13 -5.25
N ASN A 473 9.42 38.87 -6.11
CA ASN A 473 9.64 38.20 -7.41
C ASN A 473 9.05 39.11 -8.46
N PRO A 474 9.73 40.23 -8.71
CA PRO A 474 9.10 41.25 -9.54
C PRO A 474 9.11 40.90 -11.02
N GLY A 475 9.87 39.87 -11.41
CA GLY A 475 9.73 39.30 -12.75
C GLY A 475 8.56 38.34 -12.97
N THR A 476 7.74 38.08 -11.95
CA THR A 476 6.59 37.18 -12.12
C THR A 476 5.72 37.69 -13.26
N ASP A 477 5.25 36.78 -14.14
CA ASP A 477 4.38 37.20 -15.23
C ASP A 477 2.98 37.38 -14.69
N LEU A 478 2.44 38.57 -14.86
CA LEU A 478 1.17 38.87 -14.21
C LEU A 478 0.01 38.03 -14.78
N ALA A 479 0.01 37.79 -16.10
CA ALA A 479 -1.06 37.01 -16.71
C ALA A 479 -1.04 35.56 -16.23
N ASP A 480 0.16 34.98 -16.10
CA ASP A 480 0.29 33.62 -15.56
C ASP A 480 -0.17 33.53 -14.10
N ALA A 481 0.10 34.56 -13.32
CA ALA A 481 -0.32 34.58 -11.92
C ALA A 481 -1.84 34.76 -11.80
N ALA A 482 -2.42 35.64 -12.61
CA ALA A 482 -3.87 35.80 -12.69
C ALA A 482 -4.52 34.45 -13.06
N HIS A 483 -3.94 33.81 -14.06
CA HIS A 483 -4.49 32.54 -14.51
C HIS A 483 -4.48 31.50 -13.39
N THR A 484 -3.32 31.34 -12.79
CA THR A 484 -3.17 30.44 -11.67
C THR A 484 -4.11 30.69 -10.50
N LEU A 485 -4.29 31.96 -10.12
CA LEU A 485 -5.20 32.30 -9.03
C LEU A 485 -6.68 32.02 -9.34
N ALA A 486 -7.00 32.05 -10.64
CA ALA A 486 -8.34 31.78 -11.09
C ALA A 486 -8.56 30.28 -11.19
N VAL A 487 -7.75 29.57 -12.01
CA VAL A 487 -8.04 28.14 -12.28
C VAL A 487 -7.49 27.23 -11.21
N GLY A 488 -6.54 27.72 -10.44
CA GLY A 488 -5.86 26.93 -9.45
C GLY A 488 -6.29 27.12 -8.02
N ARG A 489 -7.36 27.88 -7.79
CA ARG A 489 -7.84 28.13 -6.44
C ARG A 489 -9.35 28.01 -6.43
N ARG A 490 -9.86 27.31 -5.43
CA ARG A 490 -11.27 27.28 -5.16
C ARG A 490 -11.75 28.67 -4.71
N ALA A 491 -12.95 29.09 -5.12
CA ALA A 491 -13.47 30.37 -4.70
C ALA A 491 -14.25 30.18 -3.39
N HIS A 492 -13.77 30.81 -2.33
CA HIS A 492 -14.39 30.76 -0.98
C HIS A 492 -15.24 32.01 -0.78
N ARG A 493 -15.89 32.10 0.38
N ARG A 493 -15.90 32.12 0.38
CA ARG A 493 -16.92 33.10 0.62
CA ARG A 493 -16.94 33.13 0.59
C ARG A 493 -16.42 34.56 0.67
C ARG A 493 -16.42 34.58 0.66
N HIS A 494 -15.24 34.81 1.25
CA HIS A 494 -14.69 36.17 1.31
C HIS A 494 -13.76 36.39 0.14
N ARG A 495 -14.03 37.42 -0.63
CA ARG A 495 -13.38 37.62 -1.95
C ARG A 495 -12.86 39.01 -2.13
N ARG A 496 -11.76 39.10 -2.87
CA ARG A 496 -11.11 40.32 -3.19
C ARG A 496 -10.54 40.16 -4.56
N ALA A 497 -10.49 41.24 -5.33
CA ALA A 497 -10.03 41.19 -6.71
C ALA A 497 -9.47 42.53 -7.16
N VAL A 498 -8.30 42.48 -7.75
CA VAL A 498 -7.54 43.66 -8.16
C VAL A 498 -7.41 43.65 -9.68
N ILE A 499 -7.54 44.81 -10.30
CA ILE A 499 -7.31 44.97 -11.73
C ILE A 499 -6.06 45.79 -11.89
N CYS A 500 -5.05 45.25 -12.57
CA CYS A 500 -3.84 46.02 -12.74
C CYS A 500 -3.04 45.66 -13.97
N ALA A 501 -2.14 46.55 -14.34
CA ALA A 501 -1.35 46.42 -15.58
C ALA A 501 -0.05 45.68 -15.38
N ASP A 502 0.54 45.75 -14.20
CA ASP A 502 1.83 45.06 -13.97
C ASP A 502 2.00 44.70 -12.47
N PRO A 503 3.01 43.87 -12.13
CA PRO A 503 3.19 43.42 -10.74
C PRO A 503 3.32 44.55 -9.72
N ALA A 504 4.10 45.57 -10.03
CA ALA A 504 4.34 46.65 -9.08
C ALA A 504 3.02 47.37 -8.73
N ARG A 505 2.19 47.62 -9.74
CA ARG A 505 0.90 48.23 -9.45
C ARG A 505 -0.02 47.28 -8.68
N ALA A 506 0.12 45.99 -8.94
CA ALA A 506 -0.59 44.97 -8.17
C ALA A 506 -0.19 45.07 -6.68
N VAL A 507 1.10 45.14 -6.42
CA VAL A 507 1.59 45.27 -5.04
C VAL A 507 0.90 46.47 -4.37
N ARG A 508 0.87 47.63 -5.05
CA ARG A 508 0.25 48.83 -4.48
C ARG A 508 -1.24 48.67 -4.19
N ALA A 509 -1.95 48.05 -5.14
CA ALA A 509 -3.39 47.91 -5.01
C ALA A 509 -3.77 46.92 -3.92
N LEU A 510 -2.96 45.86 -3.79
CA LEU A 510 -3.19 44.83 -2.76
C LEU A 510 -3.00 45.44 -1.37
N ARG A 511 -1.98 46.29 -1.25
CA ARG A 511 -1.70 46.94 0.04
C ARG A 511 -2.59 48.12 0.37
N GLU A 512 -2.91 48.92 -0.62
CA GLU A 512 -3.77 50.06 -0.37
C GLU A 512 -5.23 49.63 -0.24
N ARG A 513 -5.62 48.54 -0.91
CA ARG A 513 -6.95 47.98 -0.73
C ARG A 513 -8.05 49.02 -1.07
N ALA A 514 -7.85 49.81 -2.12
CA ALA A 514 -8.78 50.91 -2.45
C ALA A 514 -9.46 50.77 -3.84
N GLU A 515 -10.78 51.04 -3.91
CA GLU A 515 -11.49 51.12 -5.21
C GLU A 515 -10.91 52.35 -5.95
N PRO A 516 -10.79 52.32 -7.28
CA PRO A 516 -11.29 51.25 -8.15
C PRO A 516 -10.36 50.04 -8.36
N ASP A 517 -9.08 50.13 -8.04
CA ASP A 517 -8.14 49.05 -8.37
C ASP A 517 -8.43 47.75 -7.58
N CYS A 518 -8.92 47.87 -6.35
CA CYS A 518 -9.17 46.73 -5.49
C CYS A 518 -10.60 46.79 -5.03
N ALA A 519 -11.27 45.65 -5.00
CA ALA A 519 -12.64 45.57 -4.51
C ALA A 519 -12.82 44.26 -3.73
N THR A 520 -13.65 44.31 -2.68
CA THR A 520 -13.85 43.19 -1.77
C THR A 520 -15.32 42.97 -1.49
N ALA A 521 -15.75 41.73 -1.33
CA ALA A 521 -17.16 41.42 -0.98
C ALA A 521 -17.26 40.09 -0.24
N GLU A 522 -18.44 39.75 0.25
CA GLU A 522 -18.71 38.39 0.70
C GLU A 522 -19.76 37.75 -0.21
N ALA A 523 -19.46 36.57 -0.73
CA ALA A 523 -20.30 35.96 -1.74
C ALA A 523 -21.65 35.49 -1.18
N THR A 529 -25.40 34.71 -7.44
CA THR A 529 -25.16 33.29 -7.26
C THR A 529 -25.57 32.43 -8.49
N GLY A 530 -25.73 33.03 -9.67
CA GLY A 530 -25.86 32.25 -10.92
C GLY A 530 -24.51 31.84 -11.56
N ALA A 531 -24.51 31.72 -12.89
CA ALA A 531 -23.30 31.71 -13.74
C ALA A 531 -23.20 33.04 -14.51
N PHE A 532 -22.02 33.59 -14.70
CA PHE A 532 -21.89 34.79 -15.51
C PHE A 532 -20.98 34.52 -16.71
N THR A 533 -21.53 34.71 -17.89
CA THR A 533 -20.78 34.57 -19.14
C THR A 533 -20.70 35.93 -19.82
N PRO A 534 -19.50 36.50 -19.95
CA PRO A 534 -19.36 37.79 -20.66
C PRO A 534 -19.83 37.65 -22.11
N GLY A 535 -20.68 38.56 -22.55
CA GLY A 535 -21.22 38.50 -23.90
C GLY A 535 -20.15 38.88 -24.91
N PRO A 536 -20.42 38.63 -26.20
CA PRO A 536 -19.36 38.95 -27.12
C PRO A 536 -19.18 40.47 -27.13
N GLY A 537 -17.95 40.90 -27.40
CA GLY A 537 -17.69 42.34 -27.59
C GLY A 537 -17.34 43.05 -26.29
N LEU A 538 -17.63 42.39 -25.17
CA LEU A 538 -17.38 42.95 -23.87
C LEU A 538 -15.89 42.79 -23.73
N SER A 539 -15.21 43.91 -23.70
CA SER A 539 -13.78 43.91 -23.80
C SER A 539 -13.15 44.90 -22.84
N GLY A 540 -11.82 44.77 -22.74
CA GLY A 540 -10.97 45.64 -21.93
C GLY A 540 -11.42 45.79 -20.49
N ARG A 541 -11.45 47.04 -20.04
CA ARG A 541 -11.72 47.35 -18.66
C ARG A 541 -13.16 47.01 -18.27
N ALA A 542 -14.10 47.30 -19.16
CA ALA A 542 -15.50 46.97 -18.89
C ALA A 542 -15.67 45.44 -18.70
N LEU A 543 -14.94 44.63 -19.47
CA LEU A 543 -14.94 43.19 -19.28
C LEU A 543 -14.44 42.86 -17.86
N LEU A 544 -13.30 43.39 -17.48
CA LEU A 544 -12.73 43.03 -16.17
C LEU A 544 -13.62 43.51 -15.04
N GLU A 545 -14.22 44.70 -15.15
CA GLU A 545 -15.13 45.18 -14.12
C GLU A 545 -16.37 44.30 -13.98
N ALA A 546 -16.89 43.85 -15.12
CA ALA A 546 -18.09 43.03 -15.14
C ALA A 546 -17.81 41.67 -14.57
N VAL A 547 -16.67 41.09 -14.99
CA VAL A 547 -16.28 39.79 -14.46
C VAL A 547 -16.03 39.93 -12.96
N ARG A 548 -15.24 40.93 -12.58
CA ARG A 548 -14.98 41.18 -11.17
C ARG A 548 -16.27 41.30 -10.35
N THR A 549 -17.18 42.14 -10.80
CA THR A 549 -18.39 42.40 -10.03
C THR A 549 -19.20 41.12 -9.86
N ALA A 550 -19.35 40.34 -10.93
CA ALA A 550 -20.10 39.09 -10.88
C ALA A 550 -19.46 38.11 -9.93
N TRP A 551 -18.15 37.96 -10.07
CA TRP A 551 -17.44 37.00 -9.24
C TRP A 551 -17.52 37.40 -7.77
N LEU A 552 -17.28 38.66 -7.46
CA LEU A 552 -17.41 39.14 -6.08
C LEU A 552 -18.81 38.86 -5.49
N ASP A 553 -19.84 38.89 -6.33
CA ASP A 553 -21.19 38.55 -5.89
C ASP A 553 -21.45 37.08 -5.79
N GLY A 554 -20.51 36.26 -6.27
CA GLY A 554 -20.65 34.84 -6.15
C GLY A 554 -21.06 34.11 -7.40
N ALA A 555 -21.12 34.79 -8.54
CA ALA A 555 -21.44 34.09 -9.79
C ALA A 555 -20.31 33.13 -10.21
N GLU A 556 -20.66 31.98 -10.83
CA GLU A 556 -19.69 31.05 -11.37
C GLU A 556 -19.14 31.62 -12.68
N VAL A 557 -17.83 31.84 -12.71
CA VAL A 557 -17.15 32.31 -13.89
C VAL A 557 -16.33 31.20 -14.48
N ASP A 558 -16.44 31.00 -15.79
CA ASP A 558 -15.66 29.98 -16.45
C ASP A 558 -14.29 30.54 -16.79
N TRP A 559 -13.32 30.24 -15.92
CA TRP A 559 -12.03 30.85 -16.06
C TRP A 559 -11.27 30.27 -17.22
N ALA A 560 -11.54 28.99 -17.52
CA ALA A 560 -10.89 28.37 -18.63
C ALA A 560 -11.31 29.09 -19.91
N ARG A 561 -12.60 29.39 -20.02
CA ARG A 561 -13.08 30.18 -21.14
C ARG A 561 -12.47 31.58 -21.20
N PHE A 562 -12.36 32.20 -20.04
CA PHE A 562 -11.83 33.53 -19.93
C PHE A 562 -10.38 33.61 -20.44
N TYR A 563 -9.59 32.56 -20.23
CA TYR A 563 -8.19 32.49 -20.63
C TYR A 563 -7.94 31.68 -21.92
N ALA A 564 -9.02 31.22 -22.59
CA ALA A 564 -8.87 30.18 -23.63
C ALA A 564 -8.15 30.68 -24.89
N GLY A 565 -8.13 31.99 -25.08
CA GLY A 565 -7.42 32.52 -26.23
C GLY A 565 -5.91 32.64 -26.05
N GLU A 566 -5.42 32.34 -24.84
CA GLU A 566 -4.00 32.59 -24.50
C GLU A 566 -3.36 31.31 -24.03
N ARG A 567 -2.10 31.12 -24.37
CA ARG A 567 -1.31 30.06 -23.73
C ARG A 567 -0.86 30.57 -22.37
N ARG A 568 -1.48 30.11 -21.30
CA ARG A 568 -1.12 30.53 -19.96
C ARG A 568 -0.47 29.36 -19.24
N ARG A 569 0.33 29.69 -18.23
CA ARG A 569 1.04 28.71 -17.44
C ARG A 569 0.50 28.70 -16.04
N ARG A 570 0.68 27.59 -15.35
CA ARG A 570 0.41 27.55 -13.92
C ARG A 570 1.77 27.77 -13.26
N VAL A 571 1.83 28.71 -12.31
CA VAL A 571 3.11 29.00 -11.62
C VAL A 571 2.92 28.93 -10.10
N PRO A 572 4.02 28.68 -9.37
CA PRO A 572 3.98 28.64 -7.90
C PRO A 572 3.67 30.00 -7.27
N LEU A 573 2.64 30.07 -6.44
CA LEU A 573 2.24 31.30 -5.76
C LEU A 573 1.96 30.92 -4.31
N PRO A 574 1.87 31.88 -3.41
CA PRO A 574 1.55 31.53 -2.04
C PRO A 574 0.20 30.79 -1.97
N THR A 575 0.11 29.92 -0.96
CA THR A 575 -0.99 28.99 -0.82
C THR A 575 -1.79 29.36 0.44
N TYR A 576 -2.85 28.61 0.74
CA TYR A 576 -3.80 29.07 1.71
C TYR A 576 -3.16 29.16 3.11
N PRO A 577 -3.39 30.28 3.84
CA PRO A 577 -2.81 30.43 5.17
C PRO A 577 -3.73 29.82 6.24
N PHE A 578 -3.59 28.53 6.46
CA PHE A 578 -4.48 27.83 7.34
C PHE A 578 -4.49 28.48 8.71
N GLU A 579 -5.67 28.55 9.29
CA GLU A 579 -5.84 29.18 10.56
C GLU A 579 -6.25 28.10 11.54
N GLY A 580 -5.27 27.34 11.97
CA GLY A 580 -5.50 26.38 13.04
C GLY A 580 -6.07 26.88 14.37
N ARG A 581 -6.81 26.01 15.02
CA ARG A 581 -7.16 26.12 16.42
C ARG A 581 -6.69 24.80 17.07
N ARG A 582 -6.67 24.72 18.38
CA ARG A 582 -6.13 23.54 19.04
C ARG A 582 -7.00 22.33 18.77
N VAL A 583 -6.40 21.25 18.33
CA VAL A 583 -7.10 20.01 18.05
C VAL A 583 -6.23 18.93 18.61
N TRP A 584 -6.55 18.49 19.80
CA TRP A 584 -5.64 17.62 20.53
C TRP A 584 -6.42 16.96 21.65
N LEU A 585 -6.39 15.64 21.69
CA LEU A 585 -7.19 14.90 22.66
C LEU A 585 -6.30 14.69 23.87
N GLU A 586 -6.73 15.22 25.01
CA GLU A 586 -5.82 15.35 26.16
C GLU A 586 -5.86 14.12 27.10
N VAL B 4 -4.54 -16.08 -25.31
CA VAL B 4 -3.29 -15.49 -25.83
C VAL B 4 -2.79 -14.26 -25.03
N SER B 5 -3.65 -13.60 -24.23
CA SER B 5 -3.43 -12.16 -23.86
C SER B 5 -2.37 -11.84 -22.76
N GLY B 6 -1.57 -10.81 -23.00
CA GLY B 6 -0.59 -10.34 -22.01
C GLY B 6 -1.22 -9.73 -20.75
N ASN B 7 -2.51 -9.52 -20.76
CA ASN B 7 -3.18 -9.10 -19.55
C ASN B 7 -3.74 -10.21 -18.68
N ASP B 8 -3.74 -11.43 -19.19
CA ASP B 8 -4.34 -12.54 -18.50
C ASP B 8 -3.40 -13.07 -17.40
N ILE B 9 -3.94 -13.22 -16.20
CA ILE B 9 -3.21 -13.66 -15.03
C ILE B 9 -3.82 -14.96 -14.56
N ALA B 10 -2.99 -15.99 -14.38
CA ALA B 10 -3.44 -17.27 -13.82
C ALA B 10 -3.30 -17.28 -12.29
N ILE B 11 -4.30 -17.81 -11.60
CA ILE B 11 -4.18 -18.13 -10.20
C ILE B 11 -3.63 -19.56 -10.16
N VAL B 12 -2.39 -19.74 -9.69
CA VAL B 12 -1.72 -21.04 -9.74
C VAL B 12 -1.63 -21.71 -8.39
N GLY B 13 -2.17 -21.04 -7.38
CA GLY B 13 -2.20 -21.62 -6.01
C GLY B 13 -2.98 -20.73 -5.09
N MSE B 14 -3.42 -21.31 -3.97
CA MSE B 14 -4.21 -20.53 -3.03
C MSE B 14 -4.10 -21.16 -1.67
O MSE B 14 -3.86 -22.35 -1.55
CB MSE B 14 -5.71 -20.53 -3.37
CG MSE B 14 -6.02 -20.21 -4.83
SE MSE B 14 -7.98 -20.40 -5.13
CE MSE B 14 -8.25 -22.18 -4.49
N ALA B 15 -4.32 -20.34 -0.65
CA ALA B 15 -4.37 -20.81 0.74
C ALA B 15 -5.23 -19.86 1.57
N GLY B 16 -5.79 -20.37 2.65
CA GLY B 16 -6.49 -19.52 3.58
C GLY B 16 -7.08 -20.27 4.75
N ARG B 17 -7.58 -19.50 5.73
CA ARG B 17 -8.29 -20.04 6.91
C ARG B 17 -9.44 -19.07 7.17
N PHE B 18 -10.62 -19.62 7.47
CA PHE B 18 -11.85 -18.85 7.48
C PHE B 18 -12.68 -19.32 8.65
N PRO B 19 -13.61 -18.49 9.11
CA PRO B 19 -14.52 -19.02 10.18
C PRO B 19 -15.18 -20.31 9.77
N GLY B 20 -15.06 -21.31 10.63
CA GLY B 20 -15.64 -22.64 10.39
C GLY B 20 -14.97 -23.48 9.29
N ALA B 21 -13.83 -23.04 8.75
CA ALA B 21 -13.21 -23.74 7.63
C ALA B 21 -11.72 -23.43 7.56
N ASP B 22 -10.90 -24.38 7.99
CA ASP B 22 -9.52 -24.10 8.22
C ASP B 22 -8.56 -24.28 7.03
N SER B 23 -9.09 -24.31 5.83
CA SER B 23 -8.26 -24.48 4.64
C SER B 23 -9.16 -24.12 3.46
N VAL B 24 -8.58 -23.85 2.31
CA VAL B 24 -9.38 -23.63 1.11
C VAL B 24 -10.31 -24.82 0.77
N GLY B 25 -9.81 -26.04 0.86
CA GLY B 25 -10.63 -27.23 0.66
C GLY B 25 -11.82 -27.30 1.62
N GLU B 26 -11.63 -26.97 2.88
CA GLU B 26 -12.75 -27.00 3.85
C GLU B 26 -13.74 -25.83 3.59
N PHE B 27 -13.23 -24.75 3.02
CA PHE B 27 -14.03 -23.58 2.71
C PHE B 27 -14.98 -23.97 1.57
N TRP B 28 -14.46 -24.67 0.57
CA TRP B 28 -15.32 -25.18 -0.49
C TRP B 28 -16.42 -26.06 0.09
N GLU B 29 -16.06 -26.95 1.03
CA GLU B 29 -17.07 -27.84 1.58
C GLU B 29 -18.13 -27.05 2.34
N LEU B 30 -17.71 -26.09 3.14
CA LEU B 30 -18.63 -25.19 3.84
C LEU B 30 -19.62 -24.51 2.87
N LEU B 31 -19.06 -23.91 1.82
CA LEU B 31 -19.85 -23.22 0.82
C LEU B 31 -20.85 -24.11 0.07
N ARG B 32 -20.36 -25.23 -0.49
CA ARG B 32 -21.23 -26.05 -1.28
C ARG B 32 -22.26 -26.73 -0.39
N SER B 33 -21.98 -26.91 0.90
CA SER B 33 -23.00 -27.45 1.82
C SER B 33 -23.99 -26.42 2.31
N GLY B 34 -23.80 -25.14 2.02
CA GLY B 34 -24.71 -24.11 2.52
C GLY B 34 -24.63 -23.97 4.03
N ARG B 35 -23.43 -24.11 4.62
CA ARG B 35 -23.24 -23.97 6.08
C ARG B 35 -22.69 -22.61 6.51
N GLU B 36 -23.05 -22.22 7.72
CA GLU B 36 -22.60 -20.96 8.30
C GLU B 36 -21.36 -21.24 9.17
N GLY B 37 -20.31 -20.43 9.04
CA GLY B 37 -19.09 -20.67 9.80
C GLY B 37 -18.89 -19.73 10.97
N ILE B 38 -19.82 -18.79 11.16
CA ILE B 38 -19.81 -17.83 12.29
C ILE B 38 -20.05 -18.60 13.56
N THR B 39 -19.33 -18.28 14.64
CA THR B 39 -19.57 -18.91 15.92
C THR B 39 -20.56 -18.08 16.73
N ARG B 40 -21.49 -18.77 17.40
CA ARG B 40 -22.43 -18.13 18.31
C ARG B 40 -22.15 -18.67 19.68
N PHE B 41 -21.84 -17.79 20.62
CA PHE B 41 -21.42 -18.21 21.94
C PHE B 41 -22.59 -18.30 22.89
N SER B 42 -22.49 -19.24 23.82
CA SER B 42 -23.39 -19.26 24.94
C SER B 42 -22.99 -18.15 25.89
N ASP B 43 -23.93 -17.79 26.75
CA ASP B 43 -23.67 -16.79 27.78
C ASP B 43 -22.57 -17.26 28.74
N GLU B 44 -22.56 -18.55 29.04
CA GLU B 44 -21.54 -19.15 29.90
C GLU B 44 -20.16 -19.00 29.25
N GLU B 45 -20.03 -19.31 27.96
CA GLU B 45 -18.72 -19.18 27.31
C GLU B 45 -18.19 -17.76 27.40
N LEU B 46 -19.07 -16.78 27.24
CA LEU B 46 -18.64 -15.39 27.28
C LEU B 46 -18.30 -14.93 28.69
N ALA B 47 -19.04 -15.41 29.68
CA ALA B 47 -18.66 -15.15 31.07
C ALA B 47 -17.24 -15.70 31.23
N ALA B 48 -17.05 -16.95 30.81
CA ALA B 48 -15.76 -17.61 30.91
C ALA B 48 -14.66 -16.83 30.19
N ALA B 49 -14.94 -16.25 29.02
CA ALA B 49 -13.96 -15.39 28.36
C ALA B 49 -13.80 -14.02 29.03
N GLY B 50 -14.56 -13.73 30.09
CA GLY B 50 -14.39 -12.45 30.78
C GLY B 50 -15.22 -11.25 30.35
N VAL B 51 -16.29 -11.44 29.56
CA VAL B 51 -17.20 -10.31 29.23
C VAL B 51 -18.03 -9.97 30.47
N PRO B 52 -18.08 -8.68 30.88
CA PRO B 52 -18.81 -8.35 32.11
C PRO B 52 -20.28 -8.68 31.99
N ALA B 53 -20.86 -9.21 33.07
CA ALA B 53 -22.29 -9.55 33.12
C ALA B 53 -23.16 -8.39 32.65
N ALA B 54 -22.76 -7.17 32.97
CA ALA B 54 -23.58 -6.00 32.67
C ALA B 54 -23.75 -5.79 31.16
N LEU B 55 -22.70 -6.06 30.37
CA LEU B 55 -22.77 -5.90 28.93
C LEU B 55 -23.52 -7.09 28.31
N ARG B 56 -23.28 -8.29 28.82
CA ARG B 56 -24.00 -9.49 28.37
C ARG B 56 -25.50 -9.45 28.62
N ALA B 57 -25.91 -8.77 29.68
CA ALA B 57 -27.33 -8.68 30.01
C ALA B 57 -28.10 -7.65 29.14
N ASP B 58 -27.42 -6.84 28.33
CA ASP B 58 -28.09 -5.86 27.49
C ASP B 58 -28.81 -6.61 26.41
N PRO B 59 -30.12 -6.34 26.21
CA PRO B 59 -30.86 -7.12 25.22
C PRO B 59 -30.41 -6.89 23.83
N ALA B 60 -29.65 -5.83 23.55
CA ALA B 60 -29.05 -5.65 22.24
C ALA B 60 -27.72 -6.36 22.03
N TYR B 61 -27.23 -7.08 23.04
CA TYR B 61 -25.93 -7.72 22.89
C TYR B 61 -26.07 -8.97 22.02
N VAL B 62 -25.17 -9.10 21.06
CA VAL B 62 -25.19 -10.22 20.11
C VAL B 62 -23.97 -11.11 20.31
N ARG B 63 -24.22 -12.39 20.59
CA ARG B 63 -23.15 -13.34 20.90
C ARG B 63 -22.66 -14.03 19.64
N ALA B 64 -22.09 -13.30 18.71
CA ALA B 64 -21.64 -13.91 17.47
C ALA B 64 -20.37 -13.30 16.97
N HIS B 65 -19.48 -14.14 16.48
CA HIS B 65 -18.20 -13.70 15.88
C HIS B 65 -17.64 -14.81 15.00
N GLY B 66 -17.03 -14.46 13.88
CA GLY B 66 -16.30 -15.42 13.07
C GLY B 66 -14.88 -15.52 13.60
N ILE B 67 -14.52 -16.70 14.09
CA ILE B 67 -13.21 -16.92 14.71
C ILE B 67 -12.37 -18.02 14.04
N LEU B 68 -11.10 -18.04 14.37
CA LEU B 68 -10.13 -19.00 13.87
C LEU B 68 -9.54 -19.77 15.04
N PRO B 69 -9.44 -21.11 14.93
CA PRO B 69 -8.76 -21.83 15.99
C PRO B 69 -7.24 -21.59 15.97
N ASP B 70 -6.65 -21.62 17.16
CA ASP B 70 -5.20 -21.77 17.31
C ASP B 70 -4.34 -20.60 16.78
N VAL B 71 -4.80 -19.37 16.91
CA VAL B 71 -4.04 -18.27 16.38
C VAL B 71 -2.88 -17.94 17.28
N ASP B 72 -2.86 -18.53 18.46
CA ASP B 72 -1.73 -18.43 19.40
C ASP B 72 -0.60 -19.46 19.19
N LEU B 73 -0.81 -20.44 18.32
CA LEU B 73 0.19 -21.46 18.12
C LEU B 73 1.07 -21.05 16.95
N PHE B 74 2.38 -21.25 17.05
CA PHE B 74 3.27 -20.85 15.96
C PHE B 74 4.46 -21.77 15.95
N ASP B 75 4.78 -22.32 14.79
CA ASP B 75 5.91 -23.22 14.61
C ASP B 75 7.19 -22.41 14.44
N THR B 76 7.71 -22.01 15.58
CA THR B 76 8.92 -21.20 15.65
C THR B 76 10.13 -21.94 15.08
N GLY B 77 10.22 -23.23 15.35
CA GLY B 77 11.26 -24.08 14.72
C GLY B 77 11.21 -23.98 13.20
N PHE B 78 10.05 -24.21 12.62
CA PHE B 78 9.93 -24.18 11.19
C PHE B 78 10.35 -22.86 10.59
N PHE B 79 9.95 -21.74 11.20
CA PHE B 79 10.24 -20.46 10.61
C PHE B 79 11.49 -19.83 11.17
N GLU B 80 12.26 -20.55 11.98
CA GLU B 80 13.52 -20.06 12.55
C GLU B 80 13.38 -18.77 13.37
N PHE B 81 12.47 -18.80 14.33
CA PHE B 81 12.35 -17.74 15.31
C PHE B 81 12.54 -18.42 16.66
N THR B 82 13.02 -17.68 17.65
CA THR B 82 12.85 -18.15 19.03
C THR B 82 11.46 -17.74 19.51
N PRO B 83 10.95 -18.43 20.52
CA PRO B 83 9.67 -18.02 21.07
C PRO B 83 9.64 -16.58 21.60
N ALA B 84 10.76 -16.06 22.11
CA ALA B 84 10.81 -14.70 22.62
C ALA B 84 10.79 -13.69 21.49
N GLU B 85 11.35 -14.02 20.33
CA GLU B 85 11.20 -13.15 19.17
C GLU B 85 9.75 -13.18 18.69
N ALA B 86 9.18 -14.37 18.57
CA ALA B 86 7.89 -14.52 17.89
C ALA B 86 6.73 -13.97 18.72
N GLU B 87 6.85 -14.02 20.04
CA GLU B 87 5.70 -13.59 20.88
C GLU B 87 5.44 -12.09 20.80
N VAL B 88 6.40 -11.26 20.35
CA VAL B 88 6.12 -9.84 20.14
C VAL B 88 5.42 -9.57 18.79
N ILE B 89 5.38 -10.56 17.89
CA ILE B 89 4.85 -10.36 16.54
C ILE B 89 3.35 -10.58 16.58
N ASP B 90 2.62 -9.61 16.04
CA ASP B 90 1.18 -9.70 15.79
C ASP B 90 0.84 -11.07 15.22
N PRO B 91 -0.07 -11.81 15.85
CA PRO B 91 -0.54 -13.06 15.24
C PRO B 91 -1.07 -12.88 13.80
N GLN B 92 -1.56 -11.71 13.45
CA GLN B 92 -1.92 -11.45 12.05
C GLN B 92 -0.71 -11.62 11.13
N HIS B 93 0.46 -11.14 11.53
CA HIS B 93 1.65 -11.25 10.72
C HIS B 93 2.10 -12.73 10.64
N ARG B 94 1.95 -13.46 11.75
CA ARG B 94 2.35 -14.85 11.79
C ARG B 94 1.46 -15.69 10.91
N LEU B 95 0.17 -15.40 10.93
CA LEU B 95 -0.79 -16.11 10.11
C LEU B 95 -0.55 -15.81 8.65
N PHE B 96 -0.29 -14.55 8.35
CA PHE B 96 0.07 -14.16 6.99
C PHE B 96 1.28 -14.92 6.45
N LEU B 97 2.33 -15.00 7.25
CA LEU B 97 3.54 -15.79 6.89
C LEU B 97 3.26 -17.27 6.61
N GLU B 98 2.54 -17.92 7.53
CA GLU B 98 2.12 -19.31 7.38
C GLU B 98 1.30 -19.54 6.13
N SER B 99 0.33 -18.67 5.88
CA SER B 99 -0.47 -18.77 4.67
C SER B 99 0.29 -18.50 3.38
N CYS B 100 1.25 -17.58 3.40
CA CYS B 100 2.11 -17.43 2.21
C CYS B 100 2.95 -18.68 1.92
N HIS B 101 3.47 -19.29 2.97
CA HIS B 101 4.20 -20.51 2.79
C HIS B 101 3.30 -21.60 2.23
N THR B 102 2.14 -21.80 2.86
CA THR B 102 1.13 -22.72 2.41
C THR B 102 0.74 -22.49 0.96
N ALA B 103 0.55 -21.24 0.57
CA ALA B 103 0.17 -20.98 -0.79
C ALA B 103 1.23 -21.38 -1.81
N LEU B 104 2.46 -21.04 -1.54
CA LEU B 104 3.53 -21.49 -2.40
C LEU B 104 3.59 -23.02 -2.49
N GLU B 105 3.49 -23.71 -1.35
CA GLU B 105 3.41 -25.18 -1.40
C GLU B 105 2.25 -25.69 -2.28
N ASP B 106 1.08 -25.06 -2.15
CA ASP B 106 -0.14 -25.40 -2.91
C ASP B 106 0.11 -25.24 -4.38
N ALA B 107 0.84 -24.18 -4.75
CA ALA B 107 1.19 -23.94 -6.15
C ALA B 107 2.28 -24.89 -6.64
N GLY B 108 3.01 -25.49 -5.71
CA GLY B 108 4.02 -26.44 -6.06
C GLY B 108 5.42 -25.86 -6.22
N TYR B 109 5.67 -24.74 -5.54
CA TYR B 109 6.95 -24.04 -5.68
C TYR B 109 7.71 -23.93 -4.40
N ASP B 110 9.00 -24.22 -4.52
CA ASP B 110 9.95 -23.92 -3.49
C ASP B 110 10.70 -22.67 -4.01
N PRO B 111 10.55 -21.53 -3.34
CA PRO B 111 11.22 -20.30 -3.77
C PRO B 111 12.71 -20.40 -3.91
N ARG B 112 13.35 -21.24 -3.10
CA ARG B 112 14.78 -21.42 -3.22
C ARG B 112 15.15 -22.03 -4.57
N ARG B 113 14.22 -22.69 -5.26
CA ARG B 113 14.59 -23.29 -6.57
C ARG B 113 13.87 -22.62 -7.77
N TYR B 114 13.22 -21.49 -7.55
CA TYR B 114 12.43 -20.87 -8.59
C TYR B 114 13.26 -19.90 -9.43
N ASP B 115 13.16 -20.01 -10.74
CA ASP B 115 13.92 -19.18 -11.63
C ASP B 115 13.11 -17.97 -12.03
N GLY B 116 13.09 -16.98 -11.16
CA GLY B 116 12.29 -15.80 -11.35
C GLY B 116 12.22 -14.97 -10.06
N LEU B 117 11.58 -13.80 -10.13
CA LEU B 117 11.37 -12.94 -8.99
C LEU B 117 9.96 -13.13 -8.44
N ILE B 118 9.86 -13.28 -7.12
CA ILE B 118 8.53 -13.38 -6.46
C ILE B 118 8.27 -12.16 -5.58
N SER B 119 7.15 -11.50 -5.83
CA SER B 119 6.63 -10.37 -5.07
C SER B 119 5.57 -10.76 -4.08
N VAL B 120 5.35 -9.88 -3.08
CA VAL B 120 4.33 -10.06 -2.05
C VAL B 120 3.56 -8.73 -1.94
N TYR B 121 2.23 -8.81 -2.03
CA TYR B 121 1.37 -7.68 -1.81
C TYR B 121 0.32 -8.08 -0.79
N GLY B 122 0.25 -7.41 0.33
CA GLY B 122 -0.80 -7.75 1.29
C GLY B 122 -1.08 -6.68 2.31
N GLY B 123 -2.17 -6.86 3.09
CA GLY B 123 -2.50 -5.94 4.15
C GLY B 123 -3.15 -6.67 5.28
N ALA B 124 -3.18 -5.99 6.41
CA ALA B 124 -3.72 -6.55 7.62
C ALA B 124 -4.78 -5.60 8.20
N ALA B 125 -5.72 -6.15 8.97
CA ALA B 125 -6.66 -5.37 9.74
C ALA B 125 -5.95 -4.66 10.90
N ILE B 126 -6.68 -3.80 11.60
CA ILE B 126 -6.17 -3.07 12.77
C ILE B 126 -5.58 -4.08 13.80
N ASN B 127 -4.45 -3.72 14.37
CA ASN B 127 -3.71 -4.61 15.29
C ASN B 127 -4.30 -4.48 16.68
N THR B 128 -4.90 -5.52 17.22
CA THR B 128 -5.43 -5.49 18.59
C THR B 128 -4.43 -6.11 19.57
N TYR B 129 -3.50 -6.93 19.04
CA TYR B 129 -2.51 -7.59 19.88
C TYR B 129 -1.58 -6.62 20.51
N LEU B 130 -1.25 -5.56 19.79
CA LEU B 130 -0.30 -4.60 20.30
C LEU B 130 -0.75 -3.99 21.65
N GLN B 131 -1.98 -3.56 21.70
CA GLN B 131 -2.54 -2.92 22.90
C GLN B 131 -2.82 -3.89 24.02
N ARG B 132 -3.43 -4.99 23.64
CA ARG B 132 -4.04 -5.87 24.61
C ARG B 132 -2.97 -6.79 25.21
N HIS B 133 -1.92 -7.10 24.42
CA HIS B 133 -0.85 -8.00 24.85
C HIS B 133 0.57 -7.45 24.88
N VAL B 134 0.99 -6.72 23.87
CA VAL B 134 2.40 -6.32 23.80
C VAL B 134 2.71 -5.13 24.75
N LEU B 135 1.96 -4.05 24.64
CA LEU B 135 2.22 -2.83 25.41
C LEU B 135 2.23 -3.09 26.91
N PRO B 136 1.26 -3.86 27.44
CA PRO B 136 1.30 -4.10 28.88
C PRO B 136 2.48 -4.94 29.33
N SER B 137 3.11 -5.70 28.43
CA SER B 137 4.21 -6.58 28.83
C SER B 137 5.59 -6.02 28.54
N ILE B 138 5.76 -5.09 27.60
CA ILE B 138 7.13 -4.72 27.18
C ILE B 138 7.41 -3.25 27.42
N ASP B 139 8.43 -3.05 28.25
CA ASP B 139 9.14 -1.77 28.46
C ASP B 139 9.80 -1.22 27.18
N GLN B 140 9.31 -0.10 26.67
CA GLN B 140 9.81 0.45 25.41
C GLN B 140 10.84 1.58 25.62
N THR B 141 11.47 1.57 26.80
CA THR B 141 12.41 2.63 27.14
C THR B 141 13.64 2.58 26.21
N ALA B 142 14.33 1.45 26.14
CA ALA B 142 15.49 1.34 25.24
C ALA B 142 15.05 1.38 23.77
N THR B 143 15.89 1.98 22.92
CA THR B 143 15.62 2.04 21.48
C THR B 143 15.35 0.65 20.88
N SER B 144 16.11 -0.35 21.29
CA SER B 144 16.00 -1.67 20.70
C SER B 144 14.68 -2.35 21.08
N ASP B 145 14.16 -2.07 22.27
CA ASP B 145 12.85 -2.61 22.63
C ASP B 145 11.74 -1.88 21.87
N HIS B 146 11.80 -0.57 21.80
CA HIS B 146 10.85 0.14 20.95
C HIS B 146 10.90 -0.43 19.48
N PHE B 147 12.10 -0.66 18.95
N PHE B 147 12.09 -0.66 18.95
CA PHE B 147 12.27 -1.20 17.57
CA PHE B 147 12.15 -1.14 17.56
C PHE B 147 11.62 -2.57 17.46
C PHE B 147 11.64 -2.59 17.44
N ARG B 148 11.88 -3.42 18.44
CA ARG B 148 11.35 -4.80 18.49
C ARG B 148 9.82 -4.83 18.41
N VAL B 149 9.19 -3.92 19.14
CA VAL B 149 7.76 -3.80 19.16
C VAL B 149 7.19 -3.28 17.83
N MSE B 150 7.81 -2.24 17.29
CA MSE B 150 7.41 -1.66 15.99
C MSE B 150 7.46 -2.68 14.89
O MSE B 150 6.51 -2.84 14.14
CB MSE B 150 8.33 -0.47 15.72
CG MSE B 150 8.14 0.07 14.30
SE MSE B 150 9.43 1.54 13.97
CE MSE B 150 10.95 0.45 13.37
N VAL B 151 8.56 -3.41 14.78
CA VAL B 151 8.78 -4.37 13.71
C VAL B 151 7.83 -5.55 13.82
N GLY B 152 7.51 -5.90 15.07
CA GLY B 152 6.56 -6.96 15.31
C GLY B 152 5.12 -6.57 15.00
N ASN B 153 4.80 -5.27 15.04
CA ASN B 153 3.41 -4.88 15.09
C ASN B 153 2.93 -3.86 14.07
N ASP B 154 3.81 -3.13 13.40
CA ASP B 154 3.36 -2.15 12.43
C ASP B 154 3.06 -2.84 11.08
N LYS B 155 2.05 -2.37 10.37
CA LYS B 155 1.63 -3.00 9.11
C LYS B 155 2.76 -3.04 8.06
N ASP B 156 3.68 -2.10 8.15
CA ASP B 156 4.84 -2.05 7.25
C ASP B 156 5.69 -3.31 7.18
N PHE B 157 5.60 -4.22 8.15
CA PHE B 157 6.48 -5.36 8.17
C PHE B 157 5.80 -6.63 7.75
N LEU B 158 4.51 -6.55 7.43
CA LEU B 158 3.73 -7.73 7.12
C LEU B 158 4.28 -8.52 5.93
N ALA B 159 4.40 -7.82 4.80
CA ALA B 159 4.82 -8.45 3.57
C ALA B 159 6.36 -8.68 3.59
N THR B 160 7.10 -7.70 4.04
CA THR B 160 8.57 -7.84 3.96
C THR B 160 9.16 -8.98 4.82
N ARG B 161 8.52 -9.28 5.96
CA ARG B 161 8.89 -10.43 6.75
C ARG B 161 8.81 -11.71 5.95
N VAL B 162 7.77 -11.81 5.12
CA VAL B 162 7.59 -12.98 4.28
C VAL B 162 8.71 -13.03 3.24
N SER B 163 9.01 -11.90 2.62
CA SER B 163 10.11 -11.84 1.65
C SER B 163 11.43 -12.28 2.26
N TYR B 164 11.68 -11.81 3.48
CA TYR B 164 12.92 -12.18 4.16
C TYR B 164 12.96 -13.68 4.48
N LYS B 165 11.88 -14.18 5.06
CA LYS B 165 11.88 -15.53 5.58
C LYS B 165 11.79 -16.57 4.50
N LEU B 166 11.13 -16.29 3.38
CA LEU B 166 10.99 -17.24 2.27
C LEU B 166 11.96 -16.94 1.11
N ASP B 167 12.79 -15.92 1.25
CA ASP B 167 13.72 -15.45 0.21
C ASP B 167 13.06 -15.07 -1.13
N LEU B 168 12.17 -14.08 -1.05
CA LEU B 168 11.46 -13.51 -2.19
C LEU B 168 12.07 -12.16 -2.47
N ARG B 169 12.47 -11.94 -3.72
CA ARG B 169 13.23 -10.75 -4.11
C ARG B 169 12.54 -9.77 -5.06
N GLY B 170 11.29 -10.03 -5.41
CA GLY B 170 10.49 -9.00 -6.08
C GLY B 170 10.06 -7.97 -5.05
N PRO B 171 9.54 -6.85 -5.50
CA PRO B 171 8.95 -5.85 -4.64
C PRO B 171 8.02 -6.49 -3.60
N SER B 172 8.04 -5.96 -2.38
CA SER B 172 7.22 -6.47 -1.32
C SER B 172 6.58 -5.26 -0.64
N TYR B 173 5.25 -5.18 -0.64
CA TYR B 173 4.51 -4.01 -0.13
C TYR B 173 3.38 -4.43 0.80
N SER B 174 3.19 -3.68 1.87
CA SER B 174 1.90 -3.68 2.52
C SER B 174 1.03 -2.60 1.84
N VAL B 175 -0.15 -2.96 1.44
CA VAL B 175 -1.10 -2.03 0.87
C VAL B 175 -2.32 -2.06 1.78
N GLN B 176 -2.89 -0.88 2.02
CA GLN B 176 -3.94 -0.76 3.00
C GLN B 176 -5.02 0.17 2.50
N THR B 177 -6.21 -0.39 2.30
CA THR B 177 -7.37 0.40 1.87
C THR B 177 -8.64 -0.11 2.53
N ALA B 178 -8.50 -0.45 3.81
CA ALA B 178 -9.65 -0.84 4.63
C ALA B 178 -10.24 -2.09 4.01
N CYS B 179 -11.57 -2.15 3.89
CA CYS B 179 -12.28 -3.38 3.47
C CYS B 179 -11.98 -3.88 2.05
N SER B 180 -11.44 -3.05 1.17
CA SER B 180 -11.05 -3.51 -0.17
C SER B 180 -9.60 -3.97 -0.27
N THR B 181 -8.87 -3.89 0.85
CA THR B 181 -7.44 -4.11 0.91
C THR B 181 -6.96 -5.32 0.10
N SER B 182 -7.49 -6.52 0.35
CA SER B 182 -6.89 -7.66 -0.34
C SER B 182 -7.23 -7.71 -1.82
N LEU B 183 -8.32 -7.08 -2.25
CA LEU B 183 -8.58 -7.06 -3.70
C LEU B 183 -7.72 -6.02 -4.41
N VAL B 184 -7.46 -4.93 -3.71
CA VAL B 184 -6.51 -3.95 -4.19
C VAL B 184 -5.11 -4.55 -4.29
N ALA B 185 -4.73 -5.36 -3.31
CA ALA B 185 -3.47 -6.07 -3.36
C ALA B 185 -3.40 -6.98 -4.58
N ILE B 186 -4.47 -7.70 -4.85
CA ILE B 186 -4.50 -8.50 -6.05
C ILE B 186 -4.40 -7.63 -7.34
N HIS B 187 -5.07 -6.50 -7.37
CA HIS B 187 -4.97 -5.58 -8.52
C HIS B 187 -3.52 -5.13 -8.74
N LEU B 188 -2.90 -4.64 -7.70
CA LEU B 188 -1.52 -4.20 -7.79
C LEU B 188 -0.56 -5.36 -8.16
N ALA B 189 -0.74 -6.54 -7.59
CA ALA B 189 0.03 -7.72 -8.01
C ALA B 189 -0.14 -8.03 -9.51
N CYS B 190 -1.37 -8.02 -10.01
CA CYS B 190 -1.59 -8.21 -11.45
C CYS B 190 -0.87 -7.16 -12.31
N GLN B 191 -0.92 -5.89 -11.90
CA GLN B 191 -0.23 -4.83 -12.66
C GLN B 191 1.27 -5.04 -12.67
N GLY B 192 1.83 -5.42 -11.53
CA GLY B 192 3.23 -5.77 -11.48
C GLY B 192 3.66 -6.91 -12.36
N LEU B 193 2.87 -7.96 -12.40
CA LEU B 193 3.07 -9.07 -13.34
C LEU B 193 2.96 -8.62 -14.82
N ILE B 194 1.90 -7.90 -15.13
CA ILE B 194 1.69 -7.42 -16.51
C ILE B 194 2.86 -6.54 -16.96
N ASN B 195 3.38 -5.72 -16.06
N ASN B 195 3.36 -5.65 -16.11
CA ASN B 195 4.35 -4.75 -16.42
CA ASN B 195 4.42 -4.75 -16.52
C ASN B 195 5.78 -5.27 -16.09
C ASN B 195 5.81 -5.35 -16.33
N GLY B 196 5.87 -6.58 -15.82
CA GLY B 196 7.14 -7.30 -15.77
C GLY B 196 8.01 -7.03 -14.57
N GLU B 197 7.47 -6.48 -13.51
CA GLU B 197 8.25 -6.28 -12.32
C GLU B 197 8.58 -7.56 -11.55
N CYS B 198 7.75 -8.59 -11.67
CA CYS B 198 8.01 -9.85 -11.01
C CYS B 198 7.54 -10.92 -11.96
N ASP B 199 7.81 -12.18 -11.64
CA ASP B 199 7.34 -13.32 -12.44
C ASP B 199 6.26 -14.10 -11.72
N MSE B 200 6.21 -14.01 -10.39
CA MSE B 200 5.13 -14.62 -9.64
C MSE B 200 4.85 -13.71 -8.48
O MSE B 200 5.78 -13.04 -7.99
CB MSE B 200 5.54 -16.05 -9.25
CG MSE B 200 4.54 -16.88 -8.42
SE MSE B 200 4.90 -18.86 -8.67
CE MSE B 200 6.58 -18.93 -7.67
N ALA B 201 3.60 -13.71 -8.01
CA ALA B 201 3.22 -12.84 -6.92
C ALA B 201 2.32 -13.55 -5.90
N LEU B 202 2.55 -13.26 -4.63
CA LEU B 202 1.61 -13.57 -3.57
C LEU B 202 0.75 -12.36 -3.25
N ALA B 203 -0.55 -12.50 -3.17
CA ALA B 203 -1.38 -11.38 -2.84
C ALA B 203 -2.47 -11.81 -1.89
N GLY B 204 -2.80 -10.98 -0.90
CA GLY B 204 -3.96 -11.25 -0.07
C GLY B 204 -4.01 -10.41 1.17
N GLY B 205 -4.58 -10.94 2.24
CA GLY B 205 -4.73 -10.18 3.41
C GLY B 205 -5.14 -11.01 4.61
N VAL B 206 -5.10 -10.37 5.77
CA VAL B 206 -5.33 -11.09 7.02
C VAL B 206 -6.07 -10.20 8.02
N THR B 207 -6.95 -10.85 8.80
CA THR B 207 -7.66 -10.23 9.88
C THR B 207 -7.75 -11.20 11.08
N VAL B 208 -7.18 -10.78 12.19
CA VAL B 208 -7.32 -11.50 13.43
C VAL B 208 -7.54 -10.47 14.56
N LYS B 209 -8.80 -10.17 14.80
CA LYS B 209 -9.19 -9.24 15.85
C LYS B 209 -9.39 -10.00 17.15
N LEU B 210 -8.84 -9.43 18.20
CA LEU B 210 -8.79 -10.07 19.53
C LEU B 210 -9.51 -9.21 20.57
N PRO B 211 -10.09 -9.78 21.63
CA PRO B 211 -10.23 -11.19 21.83
C PRO B 211 -11.23 -11.79 20.87
N GLN B 212 -11.02 -13.06 20.51
CA GLN B 212 -11.95 -13.73 19.59
C GLN B 212 -13.31 -14.06 20.21
N ALA B 213 -13.29 -14.55 21.44
CA ALA B 213 -14.52 -14.98 22.12
C ALA B 213 -15.24 -13.76 22.67
N ARG B 214 -15.91 -13.04 21.80
CA ARG B 214 -16.60 -11.85 22.22
C ARG B 214 -17.68 -11.54 21.21
N GLY B 215 -18.81 -11.02 21.70
CA GLY B 215 -19.90 -10.57 20.82
C GLY B 215 -19.79 -9.09 20.54
N TYR B 216 -20.92 -8.45 20.37
CA TYR B 216 -20.95 -7.04 20.09
C TYR B 216 -22.31 -6.50 20.42
N LEU B 217 -22.35 -5.20 20.62
CA LEU B 217 -23.57 -4.54 21.00
C LEU B 217 -24.24 -4.03 19.72
N TYR B 218 -25.43 -4.55 19.42
CA TYR B 218 -26.18 -4.05 18.27
C TYR B 218 -26.46 -2.53 18.40
N GLU B 219 -26.29 -1.80 17.32
CA GLU B 219 -26.41 -0.36 17.31
C GLU B 219 -27.03 0.08 15.99
N GLU B 220 -28.22 0.67 16.06
CA GLU B 220 -28.88 1.17 14.85
C GLU B 220 -27.97 2.23 14.32
N GLY B 221 -27.73 2.20 13.04
CA GLY B 221 -26.83 3.18 12.45
C GLY B 221 -25.40 2.71 12.32
N ALA B 222 -25.04 1.56 12.89
CA ALA B 222 -23.74 0.99 12.64
C ALA B 222 -23.98 -0.26 11.81
N ILE B 223 -22.92 -0.80 11.27
CA ILE B 223 -23.01 -1.75 10.18
C ILE B 223 -23.34 -3.19 10.59
N LEU B 224 -23.44 -3.49 11.89
CA LEU B 224 -23.60 -4.87 12.38
C LEU B 224 -25.06 -5.29 12.62
N SER B 225 -25.34 -6.56 12.40
CA SER B 225 -26.68 -7.06 12.36
C SER B 225 -27.25 -7.30 13.75
N PRO B 226 -28.57 -7.17 13.87
CA PRO B 226 -29.16 -7.28 15.20
C PRO B 226 -29.29 -8.68 15.74
N ASP B 227 -29.04 -9.68 14.90
CA ASP B 227 -29.26 -11.07 15.31
C ASP B 227 -28.06 -11.97 14.99
N GLY B 228 -26.98 -11.40 14.49
CA GLY B 228 -25.80 -12.19 14.28
C GLY B 228 -25.85 -13.02 13.02
N ARG B 229 -26.81 -12.72 12.15
CA ARG B 229 -26.93 -13.37 10.83
C ARG B 229 -26.66 -12.30 9.76
N VAL B 230 -26.22 -12.72 8.59
CA VAL B 230 -25.90 -11.80 7.51
C VAL B 230 -26.88 -12.18 6.41
N ARG B 231 -27.94 -11.40 6.25
CA ARG B 231 -29.03 -11.74 5.34
C ARG B 231 -28.93 -11.01 4.04
N THR B 232 -27.85 -11.26 3.31
CA THR B 232 -27.56 -10.50 2.07
C THR B 232 -28.66 -10.63 1.03
N PHE B 233 -29.07 -9.48 0.50
CA PHE B 233 -30.12 -9.34 -0.53
C PHE B 233 -31.53 -9.58 -0.07
N ASP B 234 -31.69 -9.94 1.21
CA ASP B 234 -32.97 -10.28 1.77
C ASP B 234 -33.70 -8.99 2.21
N ALA B 235 -35.03 -9.08 2.22
CA ALA B 235 -35.86 -7.98 2.71
C ALA B 235 -35.51 -7.56 4.13
N GLU B 236 -35.08 -8.53 4.95
CA GLU B 236 -34.69 -8.30 6.35
C GLU B 236 -33.18 -8.12 6.59
N ALA B 237 -32.46 -7.77 5.54
CA ALA B 237 -31.05 -7.44 5.65
C ALA B 237 -30.92 -6.41 6.78
N GLY B 238 -30.05 -6.63 7.76
CA GLY B 238 -29.93 -5.71 8.90
C GLY B 238 -28.50 -5.43 9.32
N GLY B 239 -27.56 -5.76 8.46
CA GLY B 239 -26.15 -5.59 8.80
C GLY B 239 -25.34 -6.85 8.66
N THR B 240 -24.04 -6.72 8.94
CA THR B 240 -23.13 -7.80 8.77
C THR B 240 -22.63 -8.30 10.14
N VAL B 241 -21.71 -9.26 10.10
CA VAL B 241 -21.08 -9.82 11.28
C VAL B 241 -19.60 -9.93 10.93
N LEU B 242 -18.73 -9.54 11.86
CA LEU B 242 -17.32 -9.55 11.57
C LEU B 242 -16.74 -10.95 11.75
N GLY B 243 -15.69 -11.23 10.99
CA GLY B 243 -15.00 -12.51 11.06
C GLY B 243 -13.51 -12.36 10.86
N ASN B 244 -12.76 -13.26 11.47
CA ASN B 244 -11.31 -13.35 11.31
C ASN B 244 -10.98 -14.36 10.20
N GLY B 245 -9.96 -14.05 9.41
CA GLY B 245 -9.51 -14.94 8.38
C GLY B 245 -8.26 -14.42 7.67
N VAL B 246 -7.80 -15.24 6.74
CA VAL B 246 -6.61 -14.99 5.95
C VAL B 246 -6.80 -15.68 4.60
N GLY B 247 -6.34 -15.02 3.55
CA GLY B 247 -6.28 -15.63 2.24
C GLY B 247 -5.10 -15.11 1.43
N ILE B 248 -4.51 -16.01 0.64
CA ILE B 248 -3.42 -15.69 -0.27
C ILE B 248 -3.69 -16.39 -1.58
N VAL B 249 -3.52 -15.67 -2.67
CA VAL B 249 -3.49 -16.28 -4.00
C VAL B 249 -2.06 -16.12 -4.59
N VAL B 250 -1.60 -17.14 -5.33
CA VAL B 250 -0.36 -17.09 -6.11
C VAL B 250 -0.68 -16.81 -7.57
N LEU B 251 -0.07 -15.77 -8.11
CA LEU B 251 -0.43 -15.27 -9.42
C LEU B 251 0.78 -15.27 -10.35
N LYS B 252 0.54 -15.52 -11.63
CA LYS B 252 1.58 -15.51 -12.65
C LYS B 252 0.91 -15.11 -13.97
N LEU B 253 1.68 -14.59 -14.94
CA LEU B 253 1.08 -14.40 -16.28
C LEU B 253 0.56 -15.73 -16.78
N LEU B 254 -0.58 -15.70 -17.46
CA LEU B 254 -1.19 -16.92 -17.95
C LEU B 254 -0.26 -17.70 -18.89
N ALA B 255 0.36 -16.99 -19.83
CA ALA B 255 1.34 -17.60 -20.73
C ALA B 255 2.45 -18.35 -19.97
N ASP B 256 2.98 -17.75 -18.92
CA ASP B 256 4.02 -18.39 -18.12
C ASP B 256 3.51 -19.64 -17.39
N ALA B 257 2.29 -19.57 -16.85
CA ALA B 257 1.70 -20.69 -16.13
C ALA B 257 1.49 -21.89 -17.03
N LEU B 258 1.05 -21.61 -18.26
CA LEU B 258 0.81 -22.63 -19.24
C LEU B 258 2.13 -23.28 -19.66
N ASP B 259 3.12 -22.46 -19.98
CA ASP B 259 4.45 -22.97 -20.29
C ASP B 259 5.04 -23.83 -19.18
N ALA B 260 4.86 -23.42 -17.93
CA ALA B 260 5.42 -24.12 -16.78
C ALA B 260 4.67 -25.40 -16.43
N GLY B 261 3.47 -25.59 -16.93
CA GLY B 261 2.62 -26.70 -16.48
C GLY B 261 2.03 -26.54 -15.07
N ASP B 262 1.75 -25.29 -14.68
CA ASP B 262 1.13 -25.04 -13.38
C ASP B 262 -0.31 -25.48 -13.39
N THR B 263 -0.88 -25.79 -12.23
CA THR B 263 -2.33 -25.94 -12.12
C THR B 263 -2.91 -24.53 -12.17
N ILE B 264 -3.90 -24.32 -13.03
CA ILE B 264 -4.54 -23.07 -13.12
C ILE B 264 -5.94 -23.21 -12.58
N HIS B 265 -6.23 -22.50 -11.51
CA HIS B 265 -7.55 -22.56 -10.89
C HIS B 265 -8.56 -21.68 -11.54
N ALA B 266 -8.09 -20.51 -12.02
CA ALA B 266 -8.89 -19.53 -12.73
C ALA B 266 -7.95 -18.51 -13.36
N VAL B 267 -8.48 -17.70 -14.26
CA VAL B 267 -7.75 -16.63 -14.86
C VAL B 267 -8.38 -15.32 -14.44
N ILE B 268 -7.55 -14.41 -14.00
CA ILE B 268 -7.99 -13.05 -13.79
C ILE B 268 -7.81 -12.30 -15.10
N LYS B 269 -8.92 -11.97 -15.73
CA LYS B 269 -8.93 -11.28 -16.97
C LYS B 269 -8.58 -9.82 -16.83
N GLY B 270 -8.90 -9.25 -15.70
CA GLY B 270 -8.73 -7.82 -15.51
C GLY B 270 -9.27 -7.36 -14.18
N THR B 271 -8.81 -6.19 -13.77
CA THR B 271 -9.11 -5.65 -12.46
C THR B 271 -9.14 -4.12 -12.60
N ALA B 272 -10.00 -3.46 -11.86
CA ALA B 272 -10.01 -1.97 -11.84
C ALA B 272 -10.19 -1.47 -10.43
N THR B 273 -9.71 -0.25 -10.20
CA THR B 273 -9.90 0.46 -8.93
C THR B 273 -10.21 1.92 -9.21
N ASN B 274 -10.86 2.54 -8.25
CA ASN B 274 -11.11 3.97 -8.30
C ASN B 274 -11.36 4.47 -6.90
N ASN B 275 -11.64 5.77 -6.78
CA ASN B 275 -12.19 6.28 -5.52
C ASN B 275 -13.44 7.09 -5.81
N ASP B 276 -14.41 7.02 -4.91
CA ASP B 276 -15.65 7.79 -5.03
C ASP B 276 -15.45 9.31 -4.95
N GLY B 277 -14.34 9.76 -4.35
CA GLY B 277 -14.19 11.19 -4.08
C GLY B 277 -15.28 11.64 -3.10
N SER B 278 -15.78 12.85 -3.26
CA SER B 278 -16.76 13.42 -2.29
C SER B 278 -18.21 13.15 -2.69
N LEU B 279 -18.47 12.46 -3.78
CA LEU B 279 -19.88 12.21 -4.22
C LEU B 279 -20.61 11.17 -3.38
N LYS B 280 -20.98 11.54 -2.17
CA LYS B 280 -21.73 10.63 -1.32
C LYS B 280 -22.03 11.35 -0.06
N VAL B 281 -22.92 10.79 0.75
CA VAL B 281 -23.45 11.54 1.90
C VAL B 281 -22.43 11.67 3.04
N SER B 282 -21.56 10.67 3.20
CA SER B 282 -20.49 10.74 4.21
C SER B 282 -19.29 9.86 3.85
N TYR B 283 -18.23 9.97 4.63
CA TYR B 283 -16.97 9.26 4.35
C TYR B 283 -17.18 7.76 4.34
N ALA B 284 -18.08 7.30 5.20
CA ALA B 284 -18.34 5.86 5.30
C ALA B 284 -19.41 5.33 4.37
N ALA B 285 -20.13 6.21 3.68
CA ALA B 285 -21.27 5.79 2.85
C ALA B 285 -20.81 5.20 1.52
N PRO B 286 -21.65 4.36 0.91
CA PRO B 286 -21.28 3.79 -0.38
C PRO B 286 -21.40 4.81 -1.48
N GLY B 287 -20.68 4.60 -2.57
CA GLY B 287 -20.69 5.55 -3.68
C GLY B 287 -21.26 4.90 -4.93
N LYS B 288 -22.49 5.28 -5.32
CA LYS B 288 -23.12 4.53 -6.39
C LYS B 288 -22.39 4.72 -7.71
N GLU B 289 -22.04 5.96 -8.05
CA GLU B 289 -21.39 6.23 -9.32
C GLU B 289 -19.99 5.60 -9.39
N GLY B 290 -19.30 5.56 -8.26
CA GLY B 290 -17.95 5.03 -8.18
C GLY B 290 -17.97 3.52 -8.36
N GLN B 291 -18.96 2.87 -7.74
CA GLN B 291 -19.13 1.44 -7.91
C GLN B 291 -19.48 1.08 -9.32
N ALA B 292 -20.39 1.80 -9.96
CA ALA B 292 -20.78 1.41 -11.29
C ALA B 292 -19.61 1.63 -12.23
N ALA B 293 -18.85 2.69 -11.97
CA ALA B 293 -17.73 2.99 -12.83
C ALA B 293 -16.63 1.92 -12.71
N VAL B 294 -16.38 1.41 -11.51
CA VAL B 294 -15.31 0.43 -11.36
C VAL B 294 -15.67 -0.90 -12.08
N VAL B 295 -16.94 -1.27 -12.04
CA VAL B 295 -17.39 -2.51 -12.66
C VAL B 295 -17.30 -2.35 -14.18
N ALA B 296 -17.75 -1.20 -14.69
CA ALA B 296 -17.76 -1.01 -16.13
C ALA B 296 -16.34 -0.94 -16.62
N GLU B 297 -15.48 -0.29 -15.86
CA GLU B 297 -14.06 -0.26 -16.22
C GLU B 297 -13.39 -1.62 -16.17
N ALA B 298 -13.80 -2.47 -15.22
CA ALA B 298 -13.27 -3.83 -15.16
C ALA B 298 -13.68 -4.63 -16.40
N HIS B 299 -14.94 -4.51 -16.83
CA HIS B 299 -15.40 -5.10 -18.09
C HIS B 299 -14.55 -4.65 -19.29
N ALA B 300 -14.32 -3.37 -19.39
CA ALA B 300 -13.59 -2.79 -20.53
C ALA B 300 -12.15 -3.28 -20.59
N VAL B 301 -11.44 -3.23 -19.47
CA VAL B 301 -10.04 -3.67 -19.45
C VAL B 301 -9.89 -5.18 -19.58
N SER B 302 -10.87 -5.94 -19.12
CA SER B 302 -10.87 -7.39 -19.28
C SER B 302 -11.24 -7.85 -20.65
N GLY B 303 -11.87 -6.98 -21.42
CA GLY B 303 -12.53 -7.34 -22.66
C GLY B 303 -13.67 -8.34 -22.50
N THR B 304 -14.45 -8.23 -21.44
CA THR B 304 -15.51 -9.19 -21.16
C THR B 304 -16.82 -8.47 -21.20
N GLU B 305 -17.65 -8.86 -22.13
CA GLU B 305 -18.97 -8.27 -22.30
C GLU B 305 -19.86 -8.71 -21.13
N PRO B 306 -20.68 -7.80 -20.60
CA PRO B 306 -21.47 -8.12 -19.42
C PRO B 306 -22.38 -9.31 -19.57
N GLU B 307 -22.89 -9.54 -20.78
CA GLU B 307 -23.72 -10.74 -21.04
C GLU B 307 -22.99 -12.05 -20.75
N SER B 308 -21.67 -12.03 -20.76
CA SER B 308 -20.88 -13.24 -20.61
C SER B 308 -20.55 -13.50 -19.15
N VAL B 309 -20.86 -12.57 -18.26
CA VAL B 309 -20.62 -12.71 -16.85
C VAL B 309 -21.85 -13.30 -16.15
N THR B 310 -21.74 -14.47 -15.56
CA THR B 310 -22.93 -15.16 -15.06
C THR B 310 -22.93 -15.47 -13.58
N TYR B 311 -21.92 -15.01 -12.87
CA TYR B 311 -21.91 -14.90 -11.42
C TYR B 311 -21.19 -13.61 -11.00
N VAL B 312 -21.73 -12.96 -9.98
CA VAL B 312 -21.08 -11.88 -9.29
C VAL B 312 -21.04 -12.16 -7.77
N GLU B 313 -19.81 -12.14 -7.25
CA GLU B 313 -19.59 -12.13 -5.82
C GLU B 313 -19.63 -10.67 -5.37
N ALA B 314 -20.71 -10.31 -4.77
CA ALA B 314 -20.96 -8.97 -4.37
C ALA B 314 -20.13 -8.60 -3.17
N HIS B 315 -19.98 -7.31 -2.96
CA HIS B 315 -19.37 -6.85 -1.74
C HIS B 315 -20.30 -7.27 -0.59
N GLY B 316 -21.60 -7.04 -0.74
CA GLY B 316 -22.54 -7.57 0.23
C GLY B 316 -22.52 -6.90 1.61
N THR B 317 -22.83 -5.61 1.71
CA THR B 317 -23.02 -4.94 3.03
C THR B 317 -24.15 -5.63 3.89
N ALA B 318 -25.04 -6.40 3.25
CA ALA B 318 -26.26 -6.95 3.89
C ALA B 318 -26.99 -5.89 4.70
N THR B 319 -27.08 -4.66 4.21
CA THR B 319 -28.01 -3.73 4.81
C THR B 319 -29.19 -3.50 3.89
N ARG B 320 -30.30 -3.08 4.48
CA ARG B 320 -31.55 -2.94 3.75
C ARG B 320 -31.41 -1.81 2.71
N LEU B 321 -30.59 -0.81 3.05
CA LEU B 321 -30.36 0.34 2.18
C LEU B 321 -29.12 0.23 1.30
N GLY B 322 -28.06 -0.43 1.79
CA GLY B 322 -26.82 -0.61 1.04
C GLY B 322 -26.89 -1.66 -0.09
N ASP B 323 -27.64 -2.75 0.12
CA ASP B 323 -27.70 -3.83 -0.87
C ASP B 323 -28.35 -3.25 -2.13
N PRO B 324 -29.40 -2.43 -1.96
CA PRO B 324 -29.94 -1.85 -3.19
C PRO B 324 -29.01 -0.92 -3.99
N VAL B 325 -28.10 -0.23 -3.31
CA VAL B 325 -27.14 0.65 -3.96
C VAL B 325 -26.14 -0.23 -4.75
N GLU B 326 -25.65 -1.29 -4.10
CA GLU B 326 -24.74 -2.18 -4.76
C GLU B 326 -25.38 -2.78 -6.04
N VAL B 327 -26.61 -3.30 -5.94
CA VAL B 327 -27.25 -3.90 -7.09
C VAL B 327 -27.57 -2.88 -8.16
N ALA B 328 -27.98 -1.67 -7.77
CA ALA B 328 -28.26 -0.63 -8.74
C ALA B 328 -26.98 -0.24 -9.49
N ALA B 329 -25.86 -0.19 -8.80
CA ALA B 329 -24.59 0.18 -9.43
C ALA B 329 -24.17 -0.92 -10.41
N LEU B 330 -24.31 -2.16 -9.99
CA LEU B 330 -24.01 -3.25 -10.87
C LEU B 330 -24.88 -3.26 -12.10
N THR B 331 -26.16 -3.02 -11.88
CA THR B 331 -27.11 -2.96 -12.95
C THR B 331 -26.81 -1.83 -13.92
N ASP B 332 -26.48 -0.68 -13.38
CA ASP B 332 -26.06 0.42 -14.22
C ASP B 332 -24.84 0.07 -15.13
N ALA B 333 -23.82 -0.56 -14.55
CA ALA B 333 -22.62 -0.97 -15.32
C ALA B 333 -22.97 -1.99 -16.38
N PHE B 334 -23.80 -2.97 -16.04
CA PHE B 334 -24.10 -4.05 -16.98
C PHE B 334 -24.96 -3.55 -18.15
N ARG B 335 -25.84 -2.59 -17.86
CA ARG B 335 -26.76 -2.04 -18.85
C ARG B 335 -26.01 -1.25 -19.91
N ARG B 336 -24.75 -0.92 -19.65
CA ARG B 336 -23.94 -0.27 -20.69
C ARG B 336 -23.52 -1.24 -21.80
N GLY B 337 -23.70 -2.54 -21.53
CA GLY B 337 -23.41 -3.57 -22.49
C GLY B 337 -24.47 -4.63 -22.76
N THR B 338 -25.57 -4.64 -22.05
CA THR B 338 -26.65 -5.56 -22.40
C THR B 338 -27.96 -5.10 -21.77
N SER B 339 -29.07 -5.45 -22.42
CA SER B 339 -30.38 -5.24 -21.84
C SER B 339 -31.01 -6.53 -21.30
N ASP B 340 -30.31 -7.64 -21.40
CA ASP B 340 -30.82 -8.93 -20.95
C ASP B 340 -31.01 -8.89 -19.45
N THR B 341 -31.96 -9.68 -18.96
CA THR B 341 -32.25 -9.77 -17.54
C THR B 341 -32.20 -11.23 -17.05
N GLY B 342 -31.98 -11.41 -15.75
CA GLY B 342 -32.11 -12.72 -15.14
C GLY B 342 -31.08 -13.77 -15.56
N PHE B 343 -29.89 -13.36 -15.97
CA PHE B 343 -28.93 -14.33 -16.43
C PHE B 343 -27.69 -14.48 -15.53
N CYS B 344 -27.53 -13.63 -14.55
CA CYS B 344 -26.32 -13.62 -13.72
C CYS B 344 -26.67 -13.84 -12.25
N ALA B 345 -26.22 -14.95 -11.70
CA ALA B 345 -26.42 -15.17 -10.24
C ALA B 345 -25.59 -14.19 -9.44
N ILE B 346 -26.09 -13.81 -8.28
CA ILE B 346 -25.38 -12.91 -7.38
C ILE B 346 -25.34 -13.50 -5.99
N GLY B 347 -24.23 -13.37 -5.30
CA GLY B 347 -24.12 -14.01 -3.98
C GLY B 347 -23.07 -13.34 -3.13
N SER B 348 -22.96 -13.82 -1.90
CA SER B 348 -22.00 -13.29 -0.97
C SER B 348 -21.61 -14.31 0.10
N LEU B 349 -20.31 -14.58 0.15
CA LEU B 349 -19.76 -15.43 1.18
C LEU B 349 -19.81 -14.82 2.55
N LYS B 350 -20.07 -13.53 2.66
CA LYS B 350 -20.28 -12.95 3.97
C LYS B 350 -21.50 -13.56 4.66
N SER B 351 -22.44 -14.07 3.88
CA SER B 351 -23.63 -14.71 4.45
C SER B 351 -23.20 -15.99 5.20
N ASN B 352 -22.10 -16.59 4.77
CA ASN B 352 -21.59 -17.78 5.44
C ASN B 352 -20.63 -17.49 6.59
N VAL B 353 -19.67 -16.59 6.35
CA VAL B 353 -18.57 -16.43 7.29
C VAL B 353 -18.38 -15.02 7.84
N GLY B 354 -19.22 -14.07 7.46
CA GLY B 354 -19.03 -12.71 7.88
C GLY B 354 -18.05 -11.89 7.04
N HIS B 355 -17.85 -10.67 7.50
CA HIS B 355 -17.02 -9.67 6.87
C HIS B 355 -15.60 -9.84 7.37
N LEU B 356 -14.70 -10.32 6.51
CA LEU B 356 -13.34 -10.61 6.94
C LEU B 356 -12.39 -9.43 6.76
N ASP B 357 -12.92 -8.22 6.58
CA ASP B 357 -12.11 -6.99 6.63
C ASP B 357 -10.96 -7.04 5.59
N ALA B 358 -9.70 -6.99 6.00
CA ALA B 358 -8.59 -7.04 5.08
C ALA B 358 -8.55 -8.30 4.21
N ALA B 359 -9.08 -9.42 4.71
CA ALA B 359 -9.12 -10.64 3.94
C ALA B 359 -10.38 -10.82 3.09
N ALA B 360 -11.31 -9.87 3.09
CA ALA B 360 -12.61 -10.08 2.44
C ALA B 360 -12.44 -10.21 0.90
N GLY B 361 -11.61 -9.36 0.30
CA GLY B 361 -11.46 -9.37 -1.16
C GLY B 361 -10.84 -10.66 -1.66
N VAL B 362 -9.77 -11.09 -1.04
CA VAL B 362 -9.17 -12.34 -1.44
C VAL B 362 -10.09 -13.54 -1.15
N ALA B 363 -10.89 -13.49 -0.07
CA ALA B 363 -11.84 -14.55 0.18
C ALA B 363 -12.87 -14.67 -1.00
N GLY B 364 -13.30 -13.53 -1.51
CA GLY B 364 -14.19 -13.48 -2.68
C GLY B 364 -13.58 -14.10 -3.92
N VAL B 365 -12.31 -13.82 -4.15
CA VAL B 365 -11.61 -14.36 -5.28
C VAL B 365 -11.42 -15.88 -5.12
N ILE B 366 -11.09 -16.31 -3.90
CA ILE B 366 -10.96 -17.73 -3.65
C ILE B 366 -12.28 -18.47 -3.87
N LYS B 367 -13.37 -17.94 -3.33
CA LYS B 367 -14.67 -18.57 -3.57
C LYS B 367 -14.96 -18.72 -5.05
N THR B 368 -14.77 -17.65 -5.78
CA THR B 368 -15.08 -17.62 -7.18
C THR B 368 -14.19 -18.57 -7.99
N ALA B 369 -12.89 -18.64 -7.65
CA ALA B 369 -11.98 -19.60 -8.30
C ALA B 369 -12.40 -21.04 -8.02
N LEU B 370 -12.82 -21.31 -6.78
CA LEU B 370 -13.37 -22.63 -6.47
C LEU B 370 -14.63 -22.94 -7.29
N MSE B 371 -15.55 -21.96 -7.40
CA MSE B 371 -16.77 -22.14 -8.21
C MSE B 371 -16.44 -22.50 -9.65
O MSE B 371 -17.09 -23.38 -10.24
CB MSE B 371 -17.68 -20.94 -8.15
CG MSE B 371 -18.37 -20.78 -6.80
SE MSE B 371 -19.17 -18.96 -6.83
CE MSE B 371 -20.13 -19.09 -8.53
N LEU B 372 -15.42 -21.83 -10.21
CA LEU B 372 -15.02 -22.03 -11.57
C LEU B 372 -14.39 -23.40 -11.72
N ARG B 373 -13.54 -23.79 -10.78
CA ARG B 373 -12.92 -25.09 -10.84
C ARG B 373 -13.95 -26.22 -10.71
N HIS B 374 -14.92 -26.07 -9.82
CA HIS B 374 -15.89 -27.12 -9.63
C HIS B 374 -17.10 -26.98 -10.53
N ARG B 375 -17.14 -25.91 -11.33
CA ARG B 375 -18.26 -25.57 -12.20
C ARG B 375 -19.59 -25.68 -11.45
N SER B 376 -19.66 -25.02 -10.30
CA SER B 376 -20.81 -25.09 -9.43
C SER B 376 -21.13 -23.72 -8.85
N LEU B 377 -22.42 -23.37 -8.79
CA LEU B 377 -22.92 -22.29 -7.99
C LEU B 377 -23.19 -22.87 -6.61
N VAL B 378 -23.20 -22.00 -5.60
CA VAL B 378 -23.49 -22.37 -4.24
C VAL B 378 -24.49 -21.40 -3.64
N PRO B 379 -25.12 -21.78 -2.53
CA PRO B 379 -26.10 -20.82 -1.96
C PRO B 379 -25.46 -19.58 -1.31
N THR B 380 -26.19 -18.46 -1.36
CA THR B 380 -26.11 -17.41 -0.36
C THR B 380 -27.10 -17.73 0.74
N LEU B 381 -26.67 -17.58 1.98
CA LEU B 381 -27.49 -18.03 3.10
C LEU B 381 -28.49 -17.00 3.59
N ASN B 382 -29.47 -17.50 4.35
CA ASN B 382 -30.53 -16.70 4.99
C ASN B 382 -31.45 -15.96 4.03
N HIS B 383 -31.60 -16.43 2.81
CA HIS B 383 -32.32 -15.65 1.82
C HIS B 383 -33.69 -16.22 1.62
N GLU B 384 -34.71 -15.56 2.15
CA GLU B 384 -36.08 -15.99 2.07
C GLU B 384 -36.93 -15.14 1.14
N ARG B 385 -36.81 -13.81 1.26
CA ARG B 385 -37.61 -12.87 0.53
C ARG B 385 -36.70 -11.82 -0.05
N PRO B 386 -36.74 -11.59 -1.37
CA PRO B 386 -35.82 -10.59 -1.90
C PRO B 386 -36.18 -9.19 -1.43
N ASN B 387 -35.17 -8.34 -1.27
CA ASN B 387 -35.37 -6.98 -0.86
C ASN B 387 -36.27 -6.27 -1.87
N PRO B 388 -37.47 -5.82 -1.43
CA PRO B 388 -38.44 -5.19 -2.34
C PRO B 388 -37.99 -3.88 -2.95
N ALA B 389 -36.97 -3.25 -2.39
CA ALA B 389 -36.37 -2.09 -3.01
C ALA B 389 -35.55 -2.46 -4.26
N ILE B 390 -35.27 -3.74 -4.48
CA ILE B 390 -34.55 -4.19 -5.65
C ILE B 390 -35.54 -4.95 -6.53
N ASP B 391 -35.84 -4.42 -7.67
CA ASP B 391 -36.65 -5.13 -8.62
C ASP B 391 -35.71 -6.07 -9.41
N PHE B 392 -35.31 -7.17 -8.77
CA PHE B 392 -34.31 -8.07 -9.37
C PHE B 392 -34.71 -8.48 -10.78
N ALA B 393 -36.01 -8.71 -11.01
CA ALA B 393 -36.47 -9.17 -12.32
C ALA B 393 -36.18 -8.19 -13.48
N ALA B 394 -36.15 -6.91 -13.21
CA ALA B 394 -35.71 -5.90 -14.20
C ALA B 394 -34.17 -5.80 -14.38
N THR B 395 -33.39 -6.59 -13.64
CA THR B 395 -31.91 -6.50 -13.69
C THR B 395 -31.30 -7.77 -14.25
N PRO B 396 -29.97 -7.75 -14.47
CA PRO B 396 -29.30 -8.96 -14.86
C PRO B 396 -29.33 -10.04 -13.81
N PHE B 397 -29.67 -9.71 -12.56
CA PHE B 397 -29.30 -10.57 -11.45
C PHE B 397 -30.41 -11.36 -10.80
N TYR B 398 -30.06 -12.55 -10.29
CA TYR B 398 -30.94 -13.32 -9.41
C TYR B 398 -30.09 -13.92 -8.27
N VAL B 399 -30.71 -14.11 -7.12
CA VAL B 399 -30.01 -14.65 -5.96
C VAL B 399 -30.04 -16.17 -6.03
N ASN B 400 -28.88 -16.80 -6.14
CA ASN B 400 -28.84 -18.26 -6.17
C ASN B 400 -28.85 -18.84 -4.75
N THR B 401 -29.74 -19.76 -4.47
CA THR B 401 -29.87 -20.33 -3.13
C THR B 401 -29.73 -21.84 -3.13
N GLU B 402 -29.27 -22.43 -4.24
CA GLU B 402 -29.04 -23.86 -4.26
C GLU B 402 -27.66 -24.18 -4.81
N THR B 403 -27.06 -25.26 -4.35
CA THR B 403 -25.88 -25.78 -5.02
C THR B 403 -26.34 -26.45 -6.31
N ARG B 404 -25.78 -26.03 -7.43
CA ARG B 404 -26.22 -26.54 -8.73
C ARG B 404 -25.12 -26.29 -9.75
N PRO B 405 -25.18 -26.96 -10.91
CA PRO B 405 -24.12 -26.74 -11.86
C PRO B 405 -24.15 -25.35 -12.42
N TRP B 406 -22.97 -24.86 -12.73
CA TRP B 406 -22.80 -23.60 -13.39
C TRP B 406 -22.54 -24.00 -14.86
N ALA B 407 -23.50 -23.69 -15.72
CA ALA B 407 -23.56 -24.27 -17.07
C ALA B 407 -23.35 -23.23 -18.14
N GLY B 408 -23.01 -23.62 -19.38
CA GLY B 408 -22.98 -22.67 -20.53
C GLY B 408 -22.07 -22.98 -21.73
N GLY B 410 -19.14 -22.17 -21.96
CA GLY B 410 -18.68 -20.91 -21.36
C GLY B 410 -17.79 -20.20 -22.34
N PRO B 411 -16.54 -19.86 -22.04
CA PRO B 411 -15.93 -20.02 -20.74
C PRO B 411 -16.71 -19.30 -19.65
N LEU B 412 -16.89 -19.94 -18.52
CA LEU B 412 -17.59 -19.30 -17.41
C LEU B 412 -16.81 -18.06 -16.96
N ARG B 413 -17.55 -17.00 -16.62
CA ARG B 413 -16.95 -15.77 -16.15
C ARG B 413 -17.74 -15.20 -14.98
N ALA B 414 -17.01 -14.57 -14.08
CA ALA B 414 -17.55 -13.98 -12.88
C ALA B 414 -16.87 -12.66 -12.51
N GLY B 415 -17.61 -11.82 -11.79
CA GLY B 415 -17.10 -10.61 -11.17
C GLY B 415 -16.95 -10.77 -9.68
N VAL B 416 -15.96 -10.08 -9.12
CA VAL B 416 -15.79 -9.98 -7.68
C VAL B 416 -15.63 -8.52 -7.27
N SER B 417 -16.44 -8.07 -6.31
CA SER B 417 -16.39 -6.69 -5.84
C SER B 417 -15.83 -6.60 -4.41
N SER B 418 -15.12 -5.53 -4.13
CA SER B 418 -14.72 -5.26 -2.76
C SER B 418 -14.66 -3.75 -2.62
N PHE B 419 -15.46 -3.19 -1.69
CA PHE B 419 -15.61 -1.74 -1.52
C PHE B 419 -15.25 -1.42 -0.06
N GLY B 420 -14.43 -0.40 0.13
CA GLY B 420 -13.95 -0.04 1.48
C GLY B 420 -14.64 1.21 2.03
N ILE B 421 -14.68 1.29 3.35
CA ILE B 421 -14.86 2.57 4.01
C ILE B 421 -13.73 3.44 3.50
N GLY B 422 -14.03 4.67 3.08
CA GLY B 422 -13.05 5.58 2.46
C GLY B 422 -13.16 5.62 0.95
N GLY B 423 -13.92 4.68 0.37
CA GLY B 423 -14.30 4.80 -1.03
C GLY B 423 -13.36 4.32 -2.10
N THR B 424 -12.28 3.59 -1.76
CA THR B 424 -11.47 3.02 -2.82
C THR B 424 -12.11 1.68 -3.17
N ASN B 425 -12.61 1.60 -4.40
CA ASN B 425 -13.39 0.46 -4.90
C ASN B 425 -12.57 -0.39 -5.78
N ALA B 426 -12.82 -1.69 -5.72
CA ALA B 426 -12.18 -2.64 -6.60
C ALA B 426 -13.15 -3.64 -7.21
N HIS B 427 -12.89 -4.01 -8.46
CA HIS B 427 -13.65 -5.09 -9.11
C HIS B 427 -12.74 -5.90 -10.00
N ALA B 428 -12.88 -7.23 -9.92
CA ALA B 428 -12.09 -8.15 -10.72
C ALA B 428 -12.99 -9.03 -11.55
N ILE B 429 -12.55 -9.33 -12.78
CA ILE B 429 -13.21 -10.35 -13.61
C ILE B 429 -12.36 -11.62 -13.71
N LEU B 430 -12.97 -12.75 -13.34
CA LEU B 430 -12.36 -14.07 -13.41
C LEU B 430 -13.02 -14.92 -14.52
N GLN B 431 -12.23 -15.80 -15.13
CA GLN B 431 -12.66 -16.70 -16.19
C GLN B 431 -12.17 -18.09 -15.86
N GLU B 432 -12.92 -19.10 -16.27
CA GLU B 432 -12.53 -20.48 -16.04
C GLU B 432 -11.15 -20.69 -16.72
N ALA B 433 -10.35 -21.58 -16.13
CA ALA B 433 -9.08 -22.04 -16.72
C ALA B 433 -9.28 -22.62 -18.10
N PRO B 434 -8.30 -22.45 -18.97
CA PRO B 434 -8.44 -23.01 -20.30
C PRO B 434 -8.26 -24.52 -20.26
N GLU B 435 -8.88 -25.22 -21.22
CA GLU B 435 -8.71 -26.67 -21.37
C GLU B 435 -7.27 -26.92 -21.74
N GLN B 436 -6.59 -27.74 -20.98
CA GLN B 436 -5.31 -28.24 -21.44
C GLN B 436 -5.51 -29.71 -21.80
N GLY B 437 -4.61 -30.19 -22.65
CA GLY B 437 -4.64 -31.60 -22.99
C GLY B 437 -4.34 -32.44 -21.75
N PRO B 438 -4.27 -33.75 -21.92
CA PRO B 438 -3.95 -34.61 -20.82
C PRO B 438 -2.47 -34.44 -20.50
N THR B 439 -2.08 -34.82 -19.30
CA THR B 439 -0.69 -34.70 -18.89
C THR B 439 0.14 -35.76 -19.66
N GLU B 440 1.42 -35.50 -19.87
CA GLU B 440 2.29 -36.45 -20.55
C GLU B 440 2.43 -37.75 -19.76
N PRO B 441 2.33 -38.91 -20.44
CA PRO B 441 2.61 -40.19 -19.78
C PRO B 441 4.02 -40.20 -19.20
N SER B 442 4.22 -40.93 -18.14
CA SER B 442 5.52 -41.03 -17.49
C SER B 442 6.35 -42.09 -18.23
N PRO B 443 7.67 -41.91 -18.33
CA PRO B 443 8.55 -42.93 -18.88
C PRO B 443 8.86 -44.09 -17.89
N ARG B 444 8.39 -44.00 -16.63
CA ARG B 444 8.60 -45.04 -15.60
C ARG B 444 7.27 -45.74 -15.27
N ALA B 445 7.35 -47.00 -14.90
CA ALA B 445 6.15 -47.74 -14.50
C ALA B 445 5.69 -47.32 -13.11
N GLU B 446 6.62 -46.96 -12.25
CA GLU B 446 6.29 -46.54 -10.90
C GLU B 446 6.89 -45.18 -10.60
N GLN B 447 6.35 -44.52 -9.58
CA GLN B 447 6.79 -43.22 -9.17
C GLN B 447 7.35 -43.30 -7.76
N LEU B 448 8.18 -42.33 -7.43
CA LEU B 448 8.78 -42.21 -6.12
C LEU B 448 8.13 -41.00 -5.44
N LEU B 449 7.35 -41.23 -4.38
CA LEU B 449 6.76 -40.13 -3.62
C LEU B 449 7.55 -39.86 -2.36
N VAL B 450 8.09 -38.64 -2.24
CA VAL B 450 8.95 -38.29 -1.14
C VAL B 450 8.23 -37.32 -0.22
N LEU B 451 8.41 -37.54 1.08
CA LEU B 451 7.81 -36.70 2.08
C LEU B 451 8.84 -36.43 3.15
N SER B 452 8.85 -35.21 3.70
CA SER B 452 9.77 -34.89 4.79
C SER B 452 9.20 -33.86 5.74
N ALA B 453 9.68 -33.91 6.98
CA ALA B 453 9.25 -32.97 7.99
C ALA B 453 10.31 -32.82 9.10
N ARG B 454 10.15 -31.77 9.90
CA ARG B 454 11.11 -31.45 10.97
C ARG B 454 11.01 -32.38 12.15
N THR B 455 9.84 -32.98 12.35
CA THR B 455 9.58 -33.88 13.44
C THR B 455 8.91 -35.12 12.93
N ARG B 456 9.02 -36.18 13.72
CA ARG B 456 8.44 -37.47 13.38
C ARG B 456 6.91 -37.35 13.39
N THR B 457 6.35 -36.56 14.31
CA THR B 457 4.89 -36.42 14.36
C THR B 457 4.35 -35.65 13.17
N ALA B 458 5.10 -34.67 12.68
CA ALA B 458 4.66 -33.93 11.50
C ALA B 458 4.75 -34.82 10.25
N LEU B 459 5.80 -35.64 10.17
CA LEU B 459 5.92 -36.60 9.08
C LEU B 459 4.77 -37.60 8.99
N ASP B 460 4.36 -38.11 10.14
CA ASP B 460 3.20 -38.97 10.21
C ASP B 460 1.93 -38.27 9.80
N THR B 461 1.78 -37.00 10.21
CA THR B 461 0.61 -36.26 9.79
C THR B 461 0.60 -36.03 8.28
N LEU B 462 1.75 -35.65 7.72
CA LEU B 462 1.89 -35.47 6.26
C LEU B 462 1.49 -36.76 5.54
N THR B 463 1.96 -37.89 6.07
CA THR B 463 1.79 -39.19 5.42
C THR B 463 0.31 -39.55 5.35
N ASP B 464 -0.41 -39.33 6.44
CA ASP B 464 -1.83 -39.59 6.46
C ASP B 464 -2.63 -38.57 5.68
N ASP B 465 -2.17 -37.31 5.66
CA ASP B 465 -2.84 -36.29 4.88
C ASP B 465 -2.67 -36.67 3.42
N LEU B 466 -1.51 -37.14 3.00
CA LEU B 466 -1.34 -37.40 1.57
C LEU B 466 -2.24 -38.62 1.17
N ALA B 467 -2.29 -39.62 2.00
CA ALA B 467 -3.16 -40.74 1.76
C ALA B 467 -4.61 -40.34 1.62
N ASP B 468 -5.10 -39.45 2.48
CA ASP B 468 -6.51 -39.01 2.43
C ASP B 468 -6.73 -38.26 1.16
N HIS B 469 -5.75 -37.48 0.77
CA HIS B 469 -5.86 -36.72 -0.45
C HIS B 469 -5.95 -37.62 -1.69
N LEU B 470 -5.07 -38.60 -1.77
CA LEU B 470 -5.07 -39.48 -2.96
C LEU B 470 -6.28 -40.41 -3.00
N GLU B 471 -6.85 -40.71 -1.84
CA GLU B 471 -8.13 -41.43 -1.74
C GLU B 471 -9.26 -40.61 -2.28
N ALA B 472 -9.31 -39.35 -1.87
CA ALA B 472 -10.35 -38.43 -2.22
C ALA B 472 -10.21 -37.92 -3.64
N ASN B 473 -9.02 -38.00 -4.23
CA ASN B 473 -8.79 -37.51 -5.56
C ASN B 473 -8.10 -38.56 -6.34
N PRO B 474 -8.86 -39.63 -6.67
CA PRO B 474 -8.27 -40.82 -7.23
C PRO B 474 -7.79 -40.67 -8.64
N GLY B 475 -8.23 -39.63 -9.33
CA GLY B 475 -7.79 -39.35 -10.69
C GLY B 475 -6.50 -38.54 -10.78
N THR B 476 -5.93 -38.18 -9.63
CA THR B 476 -4.65 -37.50 -9.56
C THR B 476 -3.60 -38.27 -10.37
N ASP B 477 -2.86 -37.56 -11.24
CA ASP B 477 -1.75 -38.17 -11.96
C ASP B 477 -0.56 -38.35 -11.00
N LEU B 478 -0.14 -39.59 -10.80
CA LEU B 478 0.86 -39.86 -9.77
C LEU B 478 2.22 -39.32 -10.14
N ALA B 479 2.55 -39.30 -11.42
CA ALA B 479 3.82 -38.76 -11.82
C ALA B 479 3.84 -37.26 -11.56
N ASP B 480 2.72 -36.54 -11.76
CA ASP B 480 2.70 -35.09 -11.53
C ASP B 480 2.77 -34.84 -10.01
N ALA B 481 2.11 -35.68 -9.23
CA ALA B 481 2.15 -35.55 -7.78
C ALA B 481 3.59 -35.78 -7.28
N ALA B 482 4.22 -36.84 -7.78
CA ALA B 482 5.58 -37.18 -7.39
C ALA B 482 6.51 -36.01 -7.69
N HIS B 483 6.37 -35.46 -8.88
CA HIS B 483 7.19 -34.31 -9.28
C HIS B 483 6.98 -33.10 -8.35
N THR B 484 5.72 -32.82 -8.03
CA THR B 484 5.40 -31.72 -7.15
C THR B 484 6.02 -31.89 -5.76
N LEU B 485 5.94 -33.11 -5.21
CA LEU B 485 6.51 -33.37 -3.91
C LEU B 485 8.02 -33.24 -3.93
N ALA B 486 8.65 -33.51 -5.06
CA ALA B 486 10.09 -33.44 -5.18
C ALA B 486 10.61 -32.03 -5.40
N VAL B 487 10.07 -31.32 -6.38
CA VAL B 487 10.57 -29.98 -6.74
C VAL B 487 9.91 -28.87 -5.92
N GLY B 488 8.75 -29.14 -5.33
CA GLY B 488 7.94 -28.10 -4.71
C GLY B 488 7.84 -28.16 -3.21
N ARG B 489 8.77 -28.85 -2.56
CA ARG B 489 8.78 -28.95 -1.10
C ARG B 489 10.26 -28.90 -0.68
N ARG B 490 10.59 -28.11 0.33
CA ARG B 490 11.91 -28.21 0.95
C ARG B 490 12.09 -29.57 1.67
N ALA B 491 13.30 -30.08 1.63
CA ALA B 491 13.65 -31.36 2.23
C ALA B 491 14.06 -31.18 3.69
N HIS B 492 13.33 -31.77 4.61
CA HIS B 492 13.64 -31.70 6.04
C HIS B 492 14.27 -33.01 6.55
N ARG B 493 14.51 -33.11 7.86
CA ARG B 493 15.34 -34.18 8.48
C ARG B 493 14.67 -35.54 8.52
N HIS B 494 13.40 -35.59 8.88
CA HIS B 494 12.65 -36.84 8.91
C HIS B 494 11.99 -37.11 7.55
N ARG B 495 12.33 -38.26 6.97
CA ARG B 495 12.05 -38.58 5.58
C ARG B 495 11.33 -39.92 5.46
N ARG B 496 10.33 -39.96 4.58
CA ARG B 496 9.59 -41.17 4.21
C ARG B 496 9.37 -41.16 2.71
N ALA B 497 9.43 -42.31 2.03
CA ALA B 497 9.23 -42.34 0.60
C ALA B 497 8.58 -43.63 0.16
N VAL B 498 7.65 -43.52 -0.78
CA VAL B 498 6.86 -44.62 -1.28
C VAL B 498 7.12 -44.82 -2.77
N ILE B 499 7.23 -46.07 -3.19
CA ILE B 499 7.32 -46.42 -4.62
C ILE B 499 6.04 -47.15 -4.96
N CYS B 500 5.24 -46.58 -5.85
CA CYS B 500 4.10 -47.31 -6.38
C CYS B 500 3.65 -46.74 -7.70
N ALA B 501 2.66 -47.40 -8.30
CA ALA B 501 2.25 -47.16 -9.65
C ALA B 501 1.05 -46.21 -9.80
N ASP B 502 0.15 -46.14 -8.82
CA ASP B 502 -1.04 -45.33 -8.95
C ASP B 502 -1.58 -44.86 -7.60
N PRO B 503 -2.51 -43.87 -7.60
CA PRO B 503 -2.89 -43.30 -6.32
C PRO B 503 -3.50 -44.28 -5.36
N ALA B 504 -4.24 -45.27 -5.84
CA ALA B 504 -4.91 -46.20 -4.91
C ALA B 504 -3.88 -47.06 -4.17
N ARG B 505 -2.88 -47.57 -4.89
CA ARG B 505 -1.82 -48.30 -4.23
C ARG B 505 -1.03 -47.41 -3.29
N ALA B 506 -0.88 -46.15 -3.65
CA ALA B 506 -0.15 -45.22 -2.80
C ALA B 506 -0.85 -45.06 -1.45
N VAL B 507 -2.18 -44.98 -1.49
CA VAL B 507 -2.97 -44.84 -0.26
C VAL B 507 -2.65 -45.98 0.69
N ARG B 508 -2.63 -47.19 0.15
CA ARG B 508 -2.39 -48.37 0.94
C ARG B 508 -0.97 -48.41 1.48
N ALA B 509 0.00 -48.12 0.62
CA ALA B 509 1.40 -48.07 1.02
C ALA B 509 1.66 -46.99 2.09
N LEU B 510 1.01 -45.82 1.95
CA LEU B 510 1.17 -44.75 2.92
C LEU B 510 0.55 -45.11 4.25
N ARG B 511 -0.61 -45.74 4.23
CA ARG B 511 -1.26 -46.17 5.48
C ARG B 511 -0.61 -47.33 6.15
N GLU B 512 -0.07 -48.27 5.39
CA GLU B 512 0.48 -49.48 5.99
C GLU B 512 1.91 -49.31 6.45
N ARG B 513 2.66 -48.49 5.75
CA ARG B 513 3.98 -48.09 6.20
C ARG B 513 4.96 -49.26 6.28
N ALA B 514 4.79 -50.29 5.46
CA ALA B 514 5.73 -51.43 5.45
C ALA B 514 6.62 -51.41 4.20
N GLU B 515 7.85 -51.86 4.36
CA GLU B 515 8.72 -52.16 3.23
C GLU B 515 8.11 -53.32 2.47
N PRO B 516 8.38 -53.43 1.18
CA PRO B 516 9.25 -52.54 0.43
C PRO B 516 8.53 -51.32 -0.21
N ASP B 517 7.23 -51.17 -0.04
CA ASP B 517 6.49 -50.08 -0.69
C ASP B 517 6.75 -48.75 -0.01
N CYS B 518 6.94 -48.78 1.31
CA CYS B 518 7.17 -47.59 2.11
C CYS B 518 8.44 -47.79 2.94
N ALA B 519 9.29 -46.77 2.98
CA ALA B 519 10.56 -46.78 3.75
C ALA B 519 10.72 -45.44 4.43
N THR B 520 11.29 -45.45 5.64
CA THR B 520 11.40 -44.27 6.51
C THR B 520 12.80 -44.14 7.08
N ALA B 521 13.22 -42.93 7.41
CA ALA B 521 14.56 -42.68 7.97
C ALA B 521 14.66 -41.23 8.49
N GLU B 522 15.42 -41.00 9.57
CA GLU B 522 15.85 -39.63 9.98
C GLU B 522 17.24 -39.36 9.36
N ALA B 523 17.36 -38.32 8.54
CA ALA B 523 18.61 -38.07 7.79
C ALA B 523 19.80 -37.69 8.69
N THR B 529 25.22 -36.58 4.31
CA THR B 529 26.17 -36.76 3.21
C THR B 529 25.95 -35.70 2.12
N GLY B 530 26.49 -35.92 0.93
CA GLY B 530 26.42 -34.93 -0.14
C GLY B 530 25.44 -35.31 -1.23
N ALA B 531 25.75 -34.90 -2.46
CA ALA B 531 24.88 -35.10 -3.59
C ALA B 531 24.85 -36.56 -4.02
N PHE B 532 23.69 -37.06 -4.44
CA PHE B 532 23.58 -38.37 -5.11
C PHE B 532 23.05 -38.17 -6.52
N THR B 533 23.75 -38.71 -7.51
CA THR B 533 23.25 -38.73 -8.89
C THR B 533 23.29 -40.16 -9.40
N PRO B 534 22.13 -40.72 -9.78
CA PRO B 534 22.12 -42.11 -10.28
C PRO B 534 22.96 -42.29 -11.54
N GLY B 535 23.66 -43.42 -11.65
CA GLY B 535 24.48 -43.75 -12.81
C GLY B 535 23.92 -44.89 -13.62
N SER B 539 17.98 -47.95 -14.38
CA SER B 539 16.54 -47.82 -14.73
C SER B 539 15.59 -48.78 -13.94
N GLY B 540 14.29 -48.68 -14.19
CA GLY B 540 13.27 -49.52 -13.53
C GLY B 540 13.13 -49.36 -12.02
N ARG B 541 12.76 -50.43 -11.36
CA ARG B 541 12.63 -50.45 -9.93
C ARG B 541 13.92 -50.12 -9.20
N ALA B 542 15.03 -50.68 -9.67
CA ALA B 542 16.33 -50.47 -9.01
C ALA B 542 16.73 -48.99 -9.06
N LEU B 543 16.36 -48.29 -10.13
CA LEU B 543 16.61 -46.84 -10.20
C LEU B 543 15.90 -46.13 -9.04
N LEU B 544 14.65 -46.50 -8.81
CA LEU B 544 13.81 -45.84 -7.81
C LEU B 544 14.29 -46.19 -6.40
N GLU B 545 14.66 -47.45 -6.23
CA GLU B 545 15.21 -47.94 -4.97
C GLU B 545 16.53 -47.26 -4.66
N ALA B 546 17.37 -47.03 -5.66
CA ALA B 546 18.70 -46.45 -5.38
C ALA B 546 18.58 -44.95 -5.04
N VAL B 547 17.69 -44.25 -5.74
CA VAL B 547 17.42 -42.85 -5.42
C VAL B 547 16.74 -42.76 -4.04
N ARG B 548 15.79 -43.64 -3.79
CA ARG B 548 15.10 -43.64 -2.50
C ARG B 548 16.08 -43.81 -1.34
N THR B 549 16.92 -44.81 -1.41
CA THR B 549 17.91 -45.09 -0.36
C THR B 549 18.85 -43.91 -0.11
N ALA B 550 19.36 -43.32 -1.17
CA ALA B 550 20.22 -42.16 -1.03
C ALA B 550 19.50 -40.99 -0.34
N TRP B 551 18.29 -40.71 -0.78
CA TRP B 551 17.55 -39.55 -0.27
C TRP B 551 17.18 -39.75 1.17
N LEU B 552 16.74 -40.95 1.52
CA LEU B 552 16.35 -41.27 2.87
C LEU B 552 17.55 -41.15 3.82
N ASP B 553 18.74 -41.47 3.31
CA ASP B 553 20.02 -41.31 4.04
C ASP B 553 20.54 -39.88 4.02
N GLY B 554 19.76 -38.97 3.47
CA GLY B 554 20.05 -37.56 3.56
C GLY B 554 20.85 -36.99 2.41
N ALA B 555 21.11 -37.76 1.38
CA ALA B 555 21.74 -37.19 0.20
C ALA B 555 20.86 -36.11 -0.40
N GLU B 556 21.50 -35.18 -1.09
CA GLU B 556 20.77 -34.19 -1.86
C GLU B 556 20.58 -34.76 -3.26
N VAL B 557 19.33 -34.87 -3.71
CA VAL B 557 19.04 -35.35 -5.06
C VAL B 557 18.58 -34.17 -5.91
N ASP B 558 19.02 -34.14 -7.17
CA ASP B 558 18.62 -33.11 -8.09
C ASP B 558 17.34 -33.59 -8.79
N TRP B 559 16.21 -33.20 -8.23
CA TRP B 559 14.90 -33.63 -8.74
C TRP B 559 14.61 -33.03 -10.11
N ALA B 560 14.98 -31.77 -10.28
CA ALA B 560 14.83 -31.14 -11.59
C ALA B 560 15.48 -32.00 -12.69
N ARG B 561 16.66 -32.54 -12.40
CA ARG B 561 17.32 -33.36 -13.38
C ARG B 561 16.70 -34.76 -13.47
N PHE B 562 16.31 -35.35 -12.34
CA PHE B 562 15.53 -36.61 -12.37
C PHE B 562 14.29 -36.53 -13.30
N TYR B 563 13.55 -35.42 -13.31
CA TYR B 563 12.31 -35.30 -14.11
C TYR B 563 12.52 -34.56 -15.45
N ALA B 564 13.77 -34.20 -15.74
CA ALA B 564 14.15 -33.47 -16.95
C ALA B 564 13.57 -34.10 -18.20
N GLY B 565 12.90 -33.30 -19.00
CA GLY B 565 12.35 -33.75 -20.28
C GLY B 565 10.94 -34.29 -20.27
N GLU B 566 10.33 -34.51 -19.12
CA GLU B 566 8.98 -35.12 -19.08
C GLU B 566 7.81 -34.17 -19.16
N ARG B 567 8.07 -32.88 -19.04
CA ARG B 567 7.00 -31.89 -18.90
C ARG B 567 5.98 -32.21 -17.77
N ARG B 568 6.48 -32.55 -16.59
CA ARG B 568 5.58 -32.80 -15.47
C ARG B 568 4.89 -31.50 -15.08
N ARG B 569 3.68 -31.62 -14.54
CA ARG B 569 2.93 -30.51 -13.99
C ARG B 569 3.12 -30.40 -12.47
N ARG B 570 2.80 -29.23 -11.94
CA ARG B 570 2.64 -29.06 -10.53
C ARG B 570 1.16 -29.12 -10.20
N VAL B 571 0.82 -29.87 -9.16
CA VAL B 571 -0.57 -30.11 -8.78
C VAL B 571 -0.78 -29.87 -7.28
N PRO B 572 -1.99 -29.44 -6.88
CA PRO B 572 -2.24 -29.18 -5.46
C PRO B 572 -2.22 -30.45 -4.65
N LEU B 573 -1.46 -30.44 -3.57
CA LEU B 573 -1.37 -31.57 -2.66
C LEU B 573 -1.33 -30.97 -1.24
N PRO B 574 -1.57 -31.78 -0.20
CA PRO B 574 -1.45 -31.30 1.16
C PRO B 574 -0.08 -30.67 1.46
N THR B 575 -0.10 -29.70 2.35
CA THR B 575 1.04 -28.84 2.62
C THR B 575 1.47 -29.08 4.08
N TYR B 576 2.50 -28.35 4.51
CA TYR B 576 3.16 -28.66 5.77
C TYR B 576 2.22 -28.45 6.98
N PRO B 577 2.12 -29.47 7.86
CA PRO B 577 1.25 -29.39 9.01
C PRO B 577 1.97 -28.71 10.20
N PHE B 578 1.89 -27.39 10.24
CA PHE B 578 2.69 -26.66 11.20
C PHE B 578 2.36 -27.14 12.61
N GLU B 579 3.38 -27.30 13.43
CA GLU B 579 3.20 -27.70 14.83
C GLU B 579 3.56 -26.55 15.75
N GLY B 580 2.64 -25.64 15.97
CA GLY B 580 2.95 -24.56 16.90
C GLY B 580 3.07 -24.96 18.38
N ARG B 581 3.95 -24.28 19.09
CA ARG B 581 3.83 -24.15 20.52
C ARG B 581 3.03 -22.84 20.79
N ARG B 582 2.50 -22.68 21.99
CA ARG B 582 1.86 -21.40 22.37
C ARG B 582 2.88 -20.25 22.40
N VAL B 583 2.61 -19.21 21.64
CA VAL B 583 3.51 -18.08 21.49
C VAL B 583 2.61 -16.85 21.68
N TRP B 584 2.57 -16.34 22.89
CA TRP B 584 1.57 -15.36 23.28
C TRP B 584 2.10 -14.59 24.47
N LEU B 585 2.03 -13.28 24.43
CA LEU B 585 2.19 -12.46 25.63
C LEU B 585 0.80 -12.39 26.35
N GLU B 586 0.69 -12.93 27.57
CA GLU B 586 -0.63 -12.99 28.28
C GLU B 586 -1.14 -11.60 28.74
N PRO B 587 -2.47 -11.33 28.67
CA PRO B 587 -2.99 -10.03 29.21
C PRO B 587 -3.10 -10.05 30.75
N PRO B 588 -2.77 -8.93 31.44
CA PRO B 588 -2.53 -8.92 32.91
C PRO B 588 -3.71 -9.32 33.83
S SO4 C . 16.14 12.53 -22.77
O1 SO4 C . 15.86 13.02 -24.14
O2 SO4 C . 17.40 13.15 -22.33
O3 SO4 C . 16.26 11.05 -22.75
O4 SO4 C . 15.04 12.91 -21.86
C1 GOL D . -19.24 14.48 6.55
O1 GOL D . -18.60 15.19 5.50
C2 GOL D . -18.61 13.10 6.65
O2 GOL D . -17.20 13.23 6.53
C3 GOL D . -18.92 12.45 7.99
O3 GOL D . -18.14 11.26 8.13
C1 EDO E . -18.69 24.03 -5.08
O1 EDO E . -19.58 23.28 -5.90
C2 EDO E . -17.37 23.80 -5.72
O2 EDO E . -16.34 24.44 -4.99
C1 EDO F . -15.48 27.61 2.21
O1 EDO F . -15.47 26.73 1.08
C2 EDO F . -16.53 28.67 1.96
O2 EDO F . -15.95 29.93 2.26
C1 EDO G . 17.07 -12.58 12.00
O1 EDO G . 16.75 -11.43 11.17
C2 EDO G . 18.42 -13.24 11.68
O2 EDO G . 18.11 -14.45 11.01
S SO4 H . 2.47 15.18 23.72
O1 SO4 H . 2.30 13.83 23.10
O2 SO4 H . 3.46 15.88 22.89
O3 SO4 H . 2.97 15.10 25.13
O4 SO4 H . 1.20 15.93 23.83
S SO4 I . -10.80 -15.37 -23.96
O1 SO4 I . -9.72 -16.11 -24.67
O2 SO4 I . -10.90 -13.98 -24.47
O3 SO4 I . -12.11 -16.08 -24.15
O4 SO4 I . -10.45 -15.30 -22.52
C1 EDO J . 9.18 -36.42 17.82
O1 EDO J . 8.03 -36.28 17.00
C2 EDO J . 10.11 -35.34 17.34
O2 EDO J . 10.76 -35.87 16.19
C1 EDO K . -19.22 -23.14 14.61
O1 EDO K . -20.62 -22.99 14.53
C2 EDO K . -18.74 -23.26 13.18
O2 EDO K . -17.32 -23.21 13.24
S SO4 L . -7.03 -12.65 24.39
O1 SO4 L . -7.47 -13.36 23.18
O2 SO4 L . -6.61 -11.35 23.83
O3 SO4 L . -8.13 -12.48 25.39
O4 SO4 L . -5.93 -13.43 25.09
#